data_5ZNM
#
_entry.id   5ZNM
#
_cell.length_a   116.352
_cell.length_b   146.115
_cell.length_c   45.763
_cell.angle_alpha   90.00
_cell.angle_beta   102.49
_cell.angle_gamma   90.00
#
_symmetry.space_group_name_H-M   'C 1 2 1'
#
loop_
_entity.id
_entity.type
_entity.pdbx_description
1 polymer Colicin-D
2 non-polymer 'SULFATE ION'
3 non-polymer GLYCEROL
4 water water
#
_entity_poly.entity_id   1
_entity_poly.type   'polypeptide(L)'
_entity_poly.pdbx_seq_one_letter_code
;MHEEAVARAEAEKAKAELFSKAGVNQPPVYTQEMMERANSVMNEQGALVLNNTASSVQLAMTGTGVWTAAGDIAGNISKF
FSNALEKVTIPEVSPLLMRISLGALWFHSEEAGAGSDIVPGRNLEAMFSLSAQMLAGQGVVIEPGATSVNLPVRGQLINS
NGQLALDLLKTGNESIPAAVPVLNAVRDTATGLDKITLPAVVGAPSRTILVNPVPQPSVPTDTGNHQPVPVTPVHTGTEV
KSVEMPVTTITPVSDVGGLRDFIYWRPDAAGTGVEAVYVMLNDPLDSGRFSRKQLDKKYKHAGDFGISDTKKNRETLTKF
RDAIEEHLSDKDTVEKGTYRREKGSKVYFNPNTMNVVIIKSNGEFLSGWKINPDADNGRIYLETGEL
;
_entity_poly.pdbx_strand_id   A,B
#
loop_
_chem_comp.id
_chem_comp.type
_chem_comp.name
_chem_comp.formula
GOL non-polymer GLYCEROL 'C3 H8 O3'
SO4 non-polymer 'SULFATE ION' 'O4 S -2'
#
# COMPACT_ATOMS: atom_id res chain seq x y z
N MET A 1 10.24 10.17 -39.67
CA MET A 1 11.39 10.34 -38.80
C MET A 1 10.96 11.11 -37.56
N HIS A 2 11.65 10.87 -36.45
CA HIS A 2 11.54 11.67 -35.24
C HIS A 2 10.14 11.62 -34.62
N GLU A 3 9.36 10.58 -34.95
CA GLU A 3 8.04 10.44 -34.33
C GLU A 3 8.17 10.39 -32.81
N GLU A 4 9.21 9.71 -32.31
CA GLU A 4 9.43 9.63 -30.88
C GLU A 4 9.79 11.00 -30.30
N ALA A 5 10.62 11.77 -31.02
CA ALA A 5 10.97 13.11 -30.53
C ALA A 5 9.74 14.00 -30.49
N VAL A 6 8.84 13.87 -31.47
CA VAL A 6 7.64 14.69 -31.46
C VAL A 6 6.74 14.33 -30.28
N ALA A 7 6.56 13.03 -30.02
CA ALA A 7 5.72 12.62 -28.90
C ALA A 7 6.30 13.10 -27.57
N ARG A 8 7.62 13.02 -27.42
CA ARG A 8 8.24 13.49 -26.19
C ARG A 8 8.07 15.00 -26.01
N ALA A 9 8.25 15.78 -27.07
CA ALA A 9 8.06 17.23 -26.96
C ALA A 9 6.62 17.56 -26.61
N GLU A 10 5.67 16.82 -27.18
CA GLU A 10 4.27 17.03 -26.86
C GLU A 10 3.99 16.68 -25.41
N ALA A 11 4.57 15.57 -24.93
CA ALA A 11 4.40 15.21 -23.52
C ALA A 11 4.99 16.29 -22.63
N GLU A 12 6.15 16.81 -23.01
CA GLU A 12 6.82 17.83 -22.20
C GLU A 12 6.00 19.11 -22.15
N LYS A 13 5.41 19.51 -23.27
CA LYS A 13 4.56 20.71 -23.26
C LYS A 13 3.35 20.50 -22.35
N ALA A 14 2.66 19.37 -22.51
CA ALA A 14 1.48 19.09 -21.69
C ALA A 14 1.83 19.03 -20.21
N LYS A 15 2.95 18.40 -19.87
CA LYS A 15 3.37 18.31 -18.47
C LYS A 15 3.69 19.69 -17.90
N ALA A 16 4.42 20.51 -18.66
CA ALA A 16 4.75 21.85 -18.19
C ALA A 16 3.49 22.69 -17.97
N GLU A 17 2.51 22.57 -18.87
CA GLU A 17 1.27 23.34 -18.73
C GLU A 17 0.44 22.88 -17.53
N LEU A 18 0.34 21.56 -17.32
CA LEU A 18 -0.37 21.04 -16.15
C LEU A 18 0.34 21.43 -14.87
N PHE A 19 1.67 21.25 -14.85
CA PHE A 19 2.43 21.60 -13.66
C PHE A 19 2.29 23.09 -13.35
N SER A 20 2.28 23.93 -14.38
CA SER A 20 2.15 25.36 -14.15
C SER A 20 0.84 25.70 -13.47
N LYS A 21 -0.28 25.17 -13.98
CA LYS A 21 -1.57 25.44 -13.36
C LYS A 21 -1.65 24.89 -11.94
N ALA A 22 -0.99 23.76 -11.69
CA ALA A 22 -1.06 23.08 -10.41
C ALA A 22 -0.04 23.59 -9.40
N GLY A 23 0.86 24.49 -9.80
CA GLY A 23 1.90 24.95 -8.90
C GLY A 23 2.96 23.90 -8.62
N VAL A 24 3.21 22.99 -9.55
CA VAL A 24 4.07 21.84 -9.34
C VAL A 24 5.40 22.03 -10.06
N ASN A 25 6.49 21.68 -9.39
CA ASN A 25 7.80 21.56 -10.00
C ASN A 25 8.21 20.10 -10.02
N GLN A 26 8.86 19.68 -11.09
CA GLN A 26 9.36 18.31 -11.11
C GLN A 26 10.43 18.15 -10.04
N PRO A 27 10.55 16.95 -9.45
CA PRO A 27 11.57 16.75 -8.42
C PRO A 27 12.95 17.04 -8.97
N PRO A 28 13.85 17.52 -8.13
CA PRO A 28 15.22 17.76 -8.61
C PRO A 28 16.07 16.50 -8.51
N VAL A 29 17.29 16.58 -8.97
CA VAL A 29 18.30 15.63 -8.58
C VAL A 29 19.08 16.24 -7.43
N TYR A 30 19.66 15.39 -6.60
CA TYR A 30 20.19 15.81 -5.32
C TYR A 30 21.69 15.60 -5.34
N THR A 31 22.44 16.69 -5.16
CA THR A 31 23.81 16.53 -4.76
C THR A 31 23.86 15.93 -3.35
N GLN A 32 25.02 15.35 -3.03
CA GLN A 32 25.34 14.93 -1.68
C GLN A 32 24.94 16.01 -0.66
N GLU A 33 25.48 17.22 -0.86
CA GLU A 33 25.24 18.35 0.03
C GLU A 33 23.74 18.63 0.19
N MET A 34 23.00 18.65 -0.92
CA MET A 34 21.56 18.88 -0.85
C MET A 34 20.89 17.82 0.00
N MET A 35 21.23 16.55 -0.25
CA MET A 35 20.56 15.46 0.43
C MET A 35 20.77 15.54 1.93
N GLU A 36 21.97 15.93 2.35
CA GLU A 36 22.27 16.11 3.77
C GLU A 36 21.43 17.23 4.37
N ARG A 37 21.33 18.36 3.67
CA ARG A 37 20.54 19.47 4.21
C ARG A 37 19.07 19.08 4.27
N ALA A 38 18.59 18.34 3.27
CA ALA A 38 17.19 17.92 3.27
C ALA A 38 16.92 16.95 4.42
N ASN A 39 17.85 16.05 4.69
CA ASN A 39 17.64 15.08 5.75
C ASN A 39 17.72 15.74 7.12
N SER A 40 18.65 16.68 7.32
CA SER A 40 18.66 17.48 8.55
C SER A 40 17.30 18.11 8.82
N VAL A 41 16.73 18.75 7.79
CA VAL A 41 15.52 19.53 7.98
C VAL A 41 14.32 18.64 8.27
N MET A 42 14.26 17.46 7.64
CA MET A 42 13.11 16.58 7.89
C MET A 42 13.21 15.84 9.21
N ASN A 43 14.39 15.80 9.82
CA ASN A 43 14.58 15.13 11.10
C ASN A 43 14.50 16.08 12.29
N GLU A 44 14.13 17.34 12.09
CA GLU A 44 13.81 18.20 13.22
C GLU A 44 12.60 17.62 13.97
N GLN A 45 12.53 17.91 15.27
CA GLN A 45 11.57 17.22 16.13
C GLN A 45 10.13 17.52 15.75
N GLY A 46 9.84 18.75 15.31
CA GLY A 46 8.48 19.13 15.01
C GLY A 46 8.14 19.16 13.53
N ALA A 47 8.93 18.46 12.71
CA ALA A 47 8.68 18.45 11.28
C ALA A 47 7.48 17.59 10.94
N LEU A 48 6.64 18.09 10.04
CA LEU A 48 5.57 17.32 9.41
C LEU A 48 5.89 17.22 7.93
N VAL A 49 5.98 16.01 7.42
CA VAL A 49 6.40 15.79 6.03
C VAL A 49 5.28 15.10 5.27
N LEU A 50 4.96 15.65 4.10
CA LEU A 50 4.20 15.00 3.04
C LEU A 50 5.16 14.39 2.04
N ASN A 51 4.91 13.14 1.65
CA ASN A 51 5.67 12.54 0.56
C ASN A 51 4.88 12.64 -0.73
N ASN A 52 5.56 12.88 -1.85
CA ASN A 52 4.86 12.90 -3.13
C ASN A 52 4.78 11.51 -3.77
N THR A 53 4.62 10.46 -2.96
CA THR A 53 4.23 9.14 -3.44
C THR A 53 2.83 9.19 -4.04
N ALA A 54 2.72 8.91 -5.34
CA ALA A 54 1.45 9.17 -6.01
C ALA A 54 0.37 8.21 -5.55
N SER A 55 -0.86 8.71 -5.46
CA SER A 55 -2.04 7.89 -5.15
C SER A 55 -1.94 7.22 -3.80
N SER A 56 -1.31 7.88 -2.82
CA SER A 56 -1.06 7.25 -1.54
C SER A 56 -1.92 7.90 -0.46
N VAL A 57 -2.16 7.14 0.59
CA VAL A 57 -2.72 7.65 1.84
C VAL A 57 -1.58 7.74 2.84
N GLN A 58 -1.50 8.84 3.58
CA GLN A 58 -0.39 9.04 4.50
C GLN A 58 -0.88 9.57 5.83
N LEU A 59 -0.19 9.16 6.88
CA LEU A 59 -0.42 9.69 8.22
C LEU A 59 0.93 10.03 8.80
N ALA A 60 1.14 11.31 9.09
CA ALA A 60 2.40 11.75 9.66
C ALA A 60 2.16 12.28 11.07
N MET A 61 3.09 11.99 11.96
CA MET A 61 3.03 12.46 13.34
C MET A 61 4.41 12.98 13.72
N THR A 62 4.46 14.18 14.30
CA THR A 62 5.75 14.73 14.73
C THR A 62 6.47 13.73 15.63
N GLY A 63 7.77 13.56 15.37
CA GLY A 63 8.60 12.69 16.18
C GLY A 63 8.53 11.21 15.87
N THR A 64 7.61 10.76 15.00
CA THR A 64 7.53 9.33 14.69
C THR A 64 7.33 9.03 13.21
N GLY A 65 7.57 9.98 12.31
CA GLY A 65 7.63 9.65 10.90
C GLY A 65 6.29 9.56 10.18
N VAL A 66 6.37 9.04 8.95
CA VAL A 66 5.25 8.98 8.02
C VAL A 66 4.87 7.53 7.78
N TRP A 67 3.58 7.24 7.91
CA TRP A 67 2.99 5.97 7.49
C TRP A 67 2.35 6.16 6.12
N THR A 68 2.60 5.23 5.20
CA THR A 68 2.14 5.31 3.82
C THR A 68 1.34 4.06 3.46
N ALA A 69 0.23 4.25 2.74
CA ALA A 69 -0.48 3.12 2.13
C ALA A 69 -0.73 3.44 0.67
N ALA A 70 -0.37 2.51 -0.21
CA ALA A 70 -0.64 2.69 -1.63
C ALA A 70 -1.03 1.34 -2.21
N GLY A 71 -1.78 1.40 -3.29
CA GLY A 71 -2.28 0.19 -3.93
C GLY A 71 -3.74 -0.07 -3.56
N ASP A 72 -4.18 -1.24 -3.97
CA ASP A 72 -5.57 -1.57 -3.74
C ASP A 72 -5.81 -1.81 -2.26
N ILE A 73 -4.79 -2.33 -1.59
CA ILE A 73 -4.70 -2.47 -0.15
C ILE A 73 -4.88 -1.12 0.55
N ALA A 74 -4.97 -0.05 -0.24
CA ALA A 74 -5.49 1.24 0.24
C ALA A 74 -6.97 1.35 -0.07
N GLY A 75 -7.71 0.30 0.30
CA GLY A 75 -9.16 0.35 0.39
C GLY A 75 -9.67 1.18 1.55
N ASN A 76 -8.76 1.73 2.35
CA ASN A 76 -9.07 2.76 3.35
C ASN A 76 -9.98 3.84 2.78
N ILE A 77 -9.88 4.08 1.47
CA ILE A 77 -10.77 4.91 0.67
C ILE A 77 -12.25 4.75 1.01
N SER A 78 -12.69 3.54 1.36
CA SER A 78 -14.13 3.27 1.32
C SER A 78 -14.86 3.80 2.55
N LYS A 79 -14.22 3.75 3.73
CA LYS A 79 -14.72 4.60 4.80
C LYS A 79 -14.87 6.04 4.33
N PHE A 80 -14.14 6.44 3.28
CA PHE A 80 -14.30 7.77 2.68
C PHE A 80 -15.24 7.84 1.49
N PHE A 81 -15.94 6.77 1.08
CA PHE A 81 -17.16 7.11 0.34
C PHE A 81 -18.40 6.53 0.99
N SER A 82 -18.29 5.58 1.92
CA SER A 82 -19.42 5.31 2.80
C SER A 82 -19.96 6.60 3.41
N ASN A 83 -19.08 7.36 4.05
CA ASN A 83 -19.39 8.72 4.50
C ASN A 83 -20.09 9.53 3.42
N ALA A 84 -19.58 9.45 2.18
CA ALA A 84 -20.03 10.28 1.09
C ALA A 84 -21.33 9.76 0.49
N LEU A 85 -21.68 8.52 0.79
CA LEU A 85 -23.06 8.07 0.61
C LEU A 85 -23.98 8.68 1.67
N GLU A 86 -23.43 9.04 2.85
CA GLU A 86 -24.28 9.32 4.00
C GLU A 86 -24.74 10.78 4.11
N LYS A 87 -24.14 11.74 3.40
CA LYS A 87 -24.63 13.12 3.51
C LYS A 87 -25.97 13.34 2.81
N VAL A 88 -26.53 12.31 2.18
CA VAL A 88 -27.86 12.43 1.56
C VAL A 88 -28.91 12.82 2.58
N THR A 89 -28.75 12.38 3.82
CA THR A 89 -29.77 12.48 4.84
C THR A 89 -29.93 13.90 5.37
N SER A 94 -27.04 15.61 11.45
CA SER A 94 -25.92 15.53 12.38
C SER A 94 -24.60 15.82 11.67
N PRO A 95 -23.94 16.91 12.06
CA PRO A 95 -22.75 17.34 11.28
C PRO A 95 -21.60 16.35 11.33
N LEU A 96 -21.38 15.68 12.46
CA LEU A 96 -20.36 14.63 12.52
C LEU A 96 -20.89 13.40 11.81
N LEU A 97 -20.29 13.07 10.66
CA LEU A 97 -20.73 11.90 9.90
C LEU A 97 -20.08 10.63 10.40
N MET A 98 -18.84 10.69 10.84
CA MET A 98 -18.09 9.47 11.14
C MET A 98 -16.84 9.85 11.91
N ARG A 99 -16.50 9.04 12.90
CA ARG A 99 -15.25 9.15 13.62
C ARG A 99 -14.49 7.85 13.43
N ILE A 100 -13.23 7.96 13.03
CA ILE A 100 -12.42 6.81 12.67
C ILE A 100 -11.17 6.86 13.55
N SER A 101 -11.01 5.87 14.41
CA SER A 101 -9.76 5.74 15.13
C SER A 101 -8.68 5.30 14.16
N LEU A 102 -7.48 5.85 14.33
CA LEU A 102 -6.33 5.42 13.55
C LEU A 102 -5.32 4.63 14.37
N GLY A 103 -5.58 4.43 15.66
CA GLY A 103 -4.64 3.85 16.58
C GLY A 103 -4.34 4.77 17.75
N ALA A 104 -3.74 4.18 18.77
CA ALA A 104 -3.37 4.94 19.97
C ALA A 104 -2.33 5.98 19.62
N ASN A 123 3.24 19.64 21.97
CA ASN A 123 4.03 18.43 21.82
C ASN A 123 3.89 17.84 20.44
N LEU A 124 2.71 17.28 20.17
CA LEU A 124 2.51 16.27 19.13
C LEU A 124 1.47 16.76 18.12
N GLU A 125 1.87 16.87 16.85
CA GLU A 125 0.95 17.25 15.79
C GLU A 125 0.86 16.13 14.76
N ALA A 126 -0.23 16.12 13.99
CA ALA A 126 -0.53 15.01 13.09
C ALA A 126 -1.16 15.52 11.79
N MET A 127 -1.03 14.71 10.74
CA MET A 127 -1.40 15.13 9.40
C MET A 127 -1.80 13.88 8.62
N PHE A 128 -2.99 13.92 8.04
CA PHE A 128 -3.55 12.81 7.29
C PHE A 128 -3.89 13.27 5.89
N SER A 129 -3.56 12.49 4.88
CA SER A 129 -3.72 12.97 3.51
C SER A 129 -4.08 11.82 2.58
N LEU A 130 -4.89 12.13 1.57
CA LEU A 130 -5.32 11.16 0.58
C LEU A 130 -5.78 11.91 -0.65
N SER A 131 -6.03 11.15 -1.73
CA SER A 131 -6.42 11.78 -2.98
C SER A 131 -7.70 12.58 -2.80
N ALA A 132 -7.69 13.80 -3.33
CA ALA A 132 -8.83 14.69 -3.14
C ALA A 132 -9.97 14.34 -4.09
N GLN A 133 -9.66 13.77 -5.25
CA GLN A 133 -10.67 13.55 -6.26
C GLN A 133 -11.73 12.55 -5.78
N MET A 134 -11.33 11.61 -4.92
CA MET A 134 -12.31 10.65 -4.43
C MET A 134 -13.26 11.25 -3.40
N LEU A 135 -13.02 12.48 -2.95
CA LEU A 135 -13.92 13.15 -2.01
C LEU A 135 -14.66 14.32 -2.66
N ALA A 136 -14.54 14.48 -3.96
CA ALA A 136 -15.08 15.64 -4.63
C ALA A 136 -16.60 15.56 -4.70
N GLY A 137 -17.22 16.71 -4.97
CA GLY A 137 -18.65 16.83 -5.00
C GLY A 137 -19.30 16.12 -6.17
N GLN A 138 -20.63 16.18 -6.20
CA GLN A 138 -21.41 15.46 -7.20
C GLN A 138 -21.06 15.99 -8.59
N GLY A 139 -20.61 15.08 -9.46
CA GLY A 139 -20.27 15.42 -10.82
C GLY A 139 -18.97 16.18 -10.97
N VAL A 140 -18.16 16.25 -9.92
CA VAL A 140 -17.03 17.17 -9.86
C VAL A 140 -15.74 16.47 -10.29
N VAL A 141 -14.99 17.13 -11.17
CA VAL A 141 -13.59 16.79 -11.45
C VAL A 141 -12.76 18.00 -11.00
N ILE A 142 -11.82 17.77 -10.09
CA ILE A 142 -11.00 18.87 -9.57
C ILE A 142 -9.95 19.23 -10.60
N GLU A 143 -9.92 20.53 -11.04
CA GLU A 143 -9.00 20.94 -12.10
C GLU A 143 -7.88 21.84 -11.57
N PRO A 144 -6.66 21.65 -12.06
CA PRO A 144 -5.56 22.54 -11.64
C PRO A 144 -5.82 23.96 -12.08
N GLY A 145 -5.45 24.91 -11.20
CA GLY A 145 -5.73 26.32 -11.40
C GLY A 145 -6.77 26.85 -10.43
N ALA A 146 -7.63 25.98 -9.92
CA ALA A 146 -8.58 26.40 -8.90
C ALA A 146 -7.86 26.86 -7.64
N THR A 147 -8.42 27.88 -6.99
CA THR A 147 -7.90 28.35 -5.72
C THR A 147 -8.66 27.76 -4.53
N SER A 148 -9.80 27.13 -4.75
CA SER A 148 -10.45 26.37 -3.70
C SER A 148 -11.31 25.30 -4.34
N VAL A 149 -11.72 24.33 -3.53
CA VAL A 149 -12.54 23.20 -3.95
C VAL A 149 -13.62 23.01 -2.90
N ASN A 150 -14.86 22.86 -3.34
CA ASN A 150 -15.97 22.64 -2.42
C ASN A 150 -16.08 21.15 -2.11
N LEU A 151 -15.84 20.79 -0.86
CA LEU A 151 -15.98 19.39 -0.53
C LEU A 151 -17.25 19.16 0.28
N PRO A 152 -17.95 18.08 0.00
CA PRO A 152 -19.14 17.77 0.77
C PRO A 152 -18.82 17.26 2.17
N VAL A 153 -17.59 16.79 2.38
CA VAL A 153 -17.13 16.28 3.68
C VAL A 153 -15.75 16.85 3.92
N ARG A 154 -15.53 17.41 5.11
CA ARG A 154 -14.20 17.82 5.51
C ARG A 154 -13.75 17.01 6.71
N GLY A 155 -12.44 16.97 6.93
CA GLY A 155 -11.85 16.13 7.95
C GLY A 155 -11.07 16.93 8.97
N GLN A 156 -10.97 16.36 10.17
CA GLN A 156 -10.23 16.96 11.26
C GLN A 156 -9.65 15.85 12.12
N LEU A 157 -8.36 15.95 12.45
CA LEU A 157 -7.72 15.00 13.35
C LEU A 157 -7.90 15.46 14.79
N ILE A 158 -8.27 14.53 15.66
CA ILE A 158 -8.58 14.83 17.06
C ILE A 158 -7.92 13.79 17.95
N ASN A 159 -7.98 14.05 19.26
CA ASN A 159 -7.54 13.10 20.27
C ASN A 159 -8.79 12.69 21.01
N SER A 160 -9.17 11.42 20.90
CA SER A 160 -10.34 10.91 21.59
C SER A 160 -9.92 9.70 22.41
N ASN A 161 -9.82 9.90 23.72
CA ASN A 161 -9.55 8.87 24.72
C ASN A 161 -8.37 7.99 24.30
N GLY A 162 -7.19 8.61 24.31
CA GLY A 162 -5.96 7.95 23.95
C GLY A 162 -5.71 7.79 22.46
N GLN A 163 -6.75 7.88 21.63
CA GLN A 163 -6.65 7.54 20.22
C GLN A 163 -6.46 8.78 19.36
N LEU A 164 -5.64 8.64 18.33
CA LEU A 164 -5.69 9.54 17.20
C LEU A 164 -6.89 9.16 16.34
N ALA A 165 -7.80 10.11 16.11
CA ALA A 165 -9.01 9.83 15.37
C ALA A 165 -9.24 10.89 14.30
N LEU A 166 -9.99 10.52 13.27
CA LEU A 166 -10.39 11.41 12.20
C LEU A 166 -11.89 11.63 12.28
N ASP A 167 -12.30 12.89 12.46
CA ASP A 167 -13.71 13.25 12.43
C ASP A 167 -14.06 13.69 11.02
N LEU A 168 -15.03 13.02 10.41
CA LEU A 168 -15.53 13.40 9.10
C LEU A 168 -16.80 14.22 9.30
N LEU A 169 -16.78 15.43 8.79
CA LEU A 169 -17.80 16.44 9.05
C LEU A 169 -18.52 16.79 7.76
N LYS A 170 -19.85 16.73 7.83
CA LYS A 170 -20.71 17.19 6.75
C LYS A 170 -20.57 18.71 6.56
N THR A 171 -20.35 19.16 5.34
CA THR A 171 -20.24 20.57 5.06
C THR A 171 -21.60 21.07 4.56
N GLY A 172 -21.78 22.35 4.53
CA GLY A 172 -23.03 22.86 4.06
C GLY A 172 -23.01 24.28 4.44
N ASN A 173 -23.72 24.62 5.48
CA ASN A 173 -23.70 26.00 5.90
C ASN A 173 -23.84 26.00 7.39
N GLU A 174 -24.95 25.46 7.82
CA GLU A 174 -25.19 25.40 9.22
C GLU A 174 -24.13 24.59 9.96
N SER A 175 -23.02 24.33 9.29
CA SER A 175 -21.96 23.64 9.95
C SER A 175 -20.56 24.18 9.77
N ILE A 176 -20.00 23.89 8.64
CA ILE A 176 -18.64 24.31 8.36
C ILE A 176 -18.78 24.58 6.86
N PRO A 177 -18.10 25.58 6.31
CA PRO A 177 -18.20 25.82 4.87
C PRO A 177 -17.61 24.68 4.07
N ALA A 178 -18.03 24.58 2.81
CA ALA A 178 -17.51 23.54 1.94
C ALA A 178 -16.16 23.90 1.34
N ALA A 179 -15.82 25.20 1.28
CA ALA A 179 -14.66 25.64 0.52
C ALA A 179 -13.37 25.25 1.22
N VAL A 180 -12.50 24.54 0.52
CA VAL A 180 -11.20 24.11 1.01
C VAL A 180 -10.15 24.81 0.18
N PRO A 181 -9.17 25.50 0.77
CA PRO A 181 -8.19 26.25 -0.03
C PRO A 181 -7.16 25.34 -0.71
N VAL A 182 -6.81 25.69 -1.94
CA VAL A 182 -5.70 25.06 -2.67
C VAL A 182 -4.43 25.86 -2.45
N LEU A 183 -3.36 25.18 -2.02
CA LEU A 183 -2.10 25.82 -1.70
C LEU A 183 -1.01 25.37 -2.67
N ASN A 184 -0.02 26.24 -2.88
CA ASN A 184 1.15 25.93 -3.70
C ASN A 184 2.39 25.85 -2.83
N ALA A 185 3.21 24.82 -3.05
CA ALA A 185 4.44 24.67 -2.29
C ALA A 185 5.57 25.46 -2.93
N VAL A 186 6.52 25.91 -2.09
CA VAL A 186 7.70 26.63 -2.56
C VAL A 186 8.89 25.69 -2.57
N ARG A 187 9.60 25.63 -3.69
CA ARG A 187 10.80 24.82 -3.78
C ARG A 187 11.97 25.53 -3.11
N ASP A 188 12.58 24.85 -2.15
CA ASP A 188 13.79 25.32 -1.48
C ASP A 188 14.99 24.85 -2.31
N THR A 189 15.69 25.78 -2.95
CA THR A 189 16.80 25.40 -3.80
C THR A 189 17.99 24.87 -3.00
N ALA A 190 18.06 25.15 -1.71
CA ALA A 190 19.16 24.66 -0.91
C ALA A 190 18.99 23.19 -0.53
N THR A 191 17.76 22.74 -0.31
CA THR A 191 17.52 21.37 0.12
C THR A 191 16.91 20.49 -0.96
N GLY A 192 16.27 21.07 -1.97
CA GLY A 192 15.49 20.26 -2.89
C GLY A 192 14.17 19.78 -2.34
N LEU A 193 13.74 20.29 -1.18
CA LEU A 193 12.42 20.02 -0.60
C LEU A 193 11.46 21.14 -0.95
N ASP A 194 10.17 20.86 -0.79
CA ASP A 194 9.17 21.91 -0.95
C ASP A 194 8.60 22.27 0.41
N LYS A 195 7.97 23.43 0.47
CA LYS A 195 7.39 23.90 1.73
C LYS A 195 6.01 24.45 1.46
N ILE A 196 5.04 24.02 2.26
CA ILE A 196 3.71 24.60 2.31
C ILE A 196 3.55 25.27 3.67
N THR A 197 2.97 26.47 3.68
CA THR A 197 2.77 27.19 4.94
C THR A 197 1.29 27.40 5.17
N LEU A 198 0.82 27.04 6.41
CA LEU A 198 -0.57 27.29 6.78
C LEU A 198 -0.66 28.54 7.62
N PRO A 199 -1.72 29.33 7.43
CA PRO A 199 -1.88 30.55 8.20
C PRO A 199 -2.01 30.25 9.70
N ALA A 200 -1.58 31.23 10.49
CA ALA A 200 -1.88 31.25 11.91
C ALA A 200 -3.40 31.26 12.11
N VAL A 201 -3.83 30.67 13.23
CA VAL A 201 -5.23 30.65 13.65
C VAL A 201 -5.28 30.94 15.15
N VAL A 202 -6.48 31.15 15.67
CA VAL A 202 -6.64 31.26 17.11
C VAL A 202 -6.17 29.97 17.77
N GLY A 203 -5.11 30.05 18.57
CA GLY A 203 -4.55 28.89 19.23
C GLY A 203 -3.35 28.25 18.57
N ALA A 204 -2.85 28.81 17.47
CA ALA A 204 -1.71 28.15 16.86
C ALA A 204 -0.98 29.11 15.93
N PRO A 205 0.35 29.10 15.90
CA PRO A 205 1.12 29.93 14.96
C PRO A 205 1.01 29.40 13.54
N SER A 206 1.59 30.11 12.57
CA SER A 206 1.73 29.59 11.22
C SER A 206 2.41 28.24 11.27
N ARG A 207 2.01 27.34 10.36
CA ARG A 207 2.49 25.97 10.37
C ARG A 207 3.23 25.70 9.07
N THR A 208 4.48 25.26 9.19
CA THR A 208 5.27 24.81 8.05
C THR A 208 5.09 23.30 7.84
N ILE A 209 4.79 22.90 6.60
CA ILE A 209 4.72 21.48 6.23
C ILE A 209 5.76 21.26 5.16
N LEU A 210 6.64 20.29 5.37
CA LEU A 210 7.66 19.94 4.40
C LEU A 210 7.09 18.96 3.37
N VAL A 211 7.60 19.04 2.14
CA VAL A 211 7.20 18.06 1.13
C VAL A 211 8.46 17.44 0.57
N ASN A 212 8.56 16.11 0.66
CA ASN A 212 9.62 15.39 -0.01
C ASN A 212 9.14 15.09 -1.44
N PRO A 213 9.67 15.74 -2.46
CA PRO A 213 9.12 15.55 -3.81
C PRO A 213 9.51 14.23 -4.46
N VAL A 214 10.39 13.44 -3.86
CA VAL A 214 10.79 12.15 -4.43
C VAL A 214 9.80 11.09 -3.97
N PRO A 215 9.12 10.38 -4.88
CA PRO A 215 8.25 9.29 -4.44
C PRO A 215 9.02 8.32 -3.56
N GLN A 216 8.37 7.88 -2.50
CA GLN A 216 9.08 7.04 -1.56
C GLN A 216 8.10 6.18 -0.76
N PRO A 217 7.55 5.13 -1.38
CA PRO A 217 6.65 4.24 -0.64
C PRO A 217 7.33 3.52 0.51
N SER A 218 8.64 3.34 0.45
CA SER A 218 9.46 2.90 1.57
C SER A 218 10.89 3.35 1.30
N VAL A 219 11.75 3.18 2.29
CA VAL A 219 13.13 3.70 2.19
C VAL A 219 13.92 2.85 1.19
N PRO A 220 14.59 3.46 0.21
CA PRO A 220 15.53 2.67 -0.60
C PRO A 220 16.73 2.27 0.23
N THR A 221 17.17 1.03 0.08
CA THR A 221 18.37 0.60 0.76
C THR A 221 19.57 1.41 0.29
N ASP A 222 20.43 1.82 1.23
CA ASP A 222 21.54 2.74 0.92
C ASP A 222 22.64 1.94 0.23
N THR A 223 22.44 1.70 -1.06
CA THR A 223 23.37 0.91 -1.86
C THR A 223 23.74 1.69 -3.12
N GLY A 224 24.65 1.10 -3.88
CA GLY A 224 25.03 1.65 -5.16
C GLY A 224 23.95 1.58 -6.20
N ASN A 225 22.82 0.92 -5.91
CA ASN A 225 21.76 0.84 -6.91
C ASN A 225 20.90 2.10 -6.96
N HIS A 226 21.11 3.05 -6.07
CA HIS A 226 20.26 4.24 -5.95
C HIS A 226 21.13 5.48 -5.94
N GLN A 227 20.57 6.57 -6.41
CA GLN A 227 21.21 7.87 -6.35
C GLN A 227 20.73 8.64 -5.13
N PRO A 228 21.43 9.70 -4.72
CA PRO A 228 21.05 10.37 -3.46
C PRO A 228 19.67 11.01 -3.54
N VAL A 229 18.85 10.75 -2.53
CA VAL A 229 17.55 11.41 -2.37
C VAL A 229 17.29 11.61 -0.89
N PRO A 230 16.48 12.62 -0.54
CA PRO A 230 16.06 12.75 0.85
C PRO A 230 15.25 11.55 1.26
N VAL A 231 15.39 11.16 2.52
CA VAL A 231 14.66 10.00 3.05
C VAL A 231 13.74 10.51 4.15
N THR A 232 12.45 10.41 3.92
CA THR A 232 11.48 10.82 4.93
C THR A 232 11.48 9.81 6.08
N PRO A 233 11.54 10.26 7.33
CA PRO A 233 11.48 9.31 8.45
C PRO A 233 10.19 8.52 8.39
N VAL A 234 10.29 7.21 8.58
CA VAL A 234 9.17 6.30 8.41
C VAL A 234 8.56 6.02 9.77
N HIS A 235 7.24 5.91 9.80
CA HIS A 235 6.55 5.66 11.05
C HIS A 235 6.99 4.34 11.65
N THR A 236 7.39 4.41 12.92
CA THR A 236 7.64 3.25 13.74
C THR A 236 6.78 3.35 14.99
N GLY A 237 6.63 2.23 15.69
CA GLY A 237 5.84 2.19 16.90
C GLY A 237 4.47 1.58 16.66
N THR A 238 3.42 2.27 17.11
CA THR A 238 2.09 1.69 17.18
C THR A 238 1.47 1.52 15.80
N GLU A 239 0.77 0.40 15.64
CA GLU A 239 0.17 0.04 14.37
C GLU A 239 -0.95 1.03 14.01
N VAL A 240 -1.02 1.38 12.73
CA VAL A 240 -2.06 2.25 12.21
C VAL A 240 -3.19 1.36 11.71
N LYS A 241 -4.36 1.48 12.32
CA LYS A 241 -5.50 0.65 11.94
C LYS A 241 -6.79 1.44 12.12
N SER A 242 -7.62 1.45 11.08
CA SER A 242 -8.81 2.28 11.06
C SER A 242 -10.01 1.50 11.61
N VAL A 243 -10.60 2.03 12.69
CA VAL A 243 -11.79 1.46 13.29
C VAL A 243 -12.79 2.59 13.49
N GLU A 244 -14.02 2.39 13.03
CA GLU A 244 -15.07 3.37 13.32
C GLU A 244 -15.38 3.35 14.81
N MET A 245 -15.41 4.53 15.41
CA MET A 245 -15.62 4.77 16.83
C MET A 245 -17.08 5.14 17.09
N PRO A 246 -17.67 4.60 18.15
CA PRO A 246 -19.04 4.99 18.50
C PRO A 246 -19.06 6.42 19.01
N VAL A 247 -20.14 7.13 18.69
CA VAL A 247 -20.32 8.50 19.15
C VAL A 247 -21.80 8.82 19.30
N ASP A 255 -15.81 23.02 15.79
CA ASP A 255 -16.15 24.19 14.99
C ASP A 255 -15.07 24.48 13.95
N VAL A 256 -15.34 25.46 13.08
CA VAL A 256 -14.50 25.69 11.90
C VAL A 256 -13.10 26.15 12.28
N GLY A 257 -12.94 26.76 13.45
CA GLY A 257 -11.62 27.11 13.95
C GLY A 257 -10.75 25.92 14.27
N GLY A 258 -11.31 24.72 14.31
CA GLY A 258 -10.49 23.53 14.45
C GLY A 258 -10.03 22.92 13.13
N LEU A 259 -10.27 23.60 12.00
CA LEU A 259 -10.02 23.04 10.67
C LEU A 259 -8.85 23.76 10.01
N ARG A 260 -7.75 23.06 9.86
CA ARG A 260 -6.62 23.53 9.05
C ARG A 260 -6.39 22.48 7.97
N ASP A 261 -7.34 22.35 7.07
CA ASP A 261 -7.22 21.40 5.96
C ASP A 261 -7.01 22.16 4.66
N PHE A 262 -6.41 21.48 3.68
CA PHE A 262 -6.13 22.14 2.42
C PHE A 262 -5.98 21.10 1.33
N ILE A 263 -5.83 21.57 0.10
CA ILE A 263 -5.53 20.73 -1.05
C ILE A 263 -4.24 21.23 -1.68
N TYR A 264 -3.38 20.31 -2.10
CA TYR A 264 -2.23 20.66 -2.93
C TYR A 264 -2.11 19.62 -4.05
N TRP A 265 -1.30 19.95 -5.06
CA TRP A 265 -1.09 19.07 -6.21
C TRP A 265 0.29 18.44 -6.16
N ARG A 266 0.39 17.17 -6.55
CA ARG A 266 1.66 16.47 -6.75
C ARG A 266 1.63 15.77 -8.09
N PRO A 267 2.79 15.40 -8.64
CA PRO A 267 2.78 14.65 -9.89
C PRO A 267 2.04 13.33 -9.73
N ASP A 268 1.43 12.88 -10.83
CA ASP A 268 0.76 11.59 -10.80
C ASP A 268 1.80 10.46 -10.88
N ALA A 269 1.30 9.22 -10.86
CA ALA A 269 2.19 8.06 -10.80
C ALA A 269 3.12 8.00 -12.02
N ALA A 270 2.60 8.32 -13.20
CA ALA A 270 3.42 8.37 -14.40
C ALA A 270 4.45 9.50 -14.37
N GLY A 271 4.21 10.53 -13.55
CA GLY A 271 5.09 11.66 -13.44
C GLY A 271 4.89 12.72 -14.48
N THR A 272 3.93 12.53 -15.40
CA THR A 272 3.70 13.46 -16.50
C THR A 272 2.41 14.25 -16.36
N GLY A 273 1.60 13.93 -15.35
CA GLY A 273 0.39 14.65 -15.06
C GLY A 273 0.32 14.97 -13.57
N VAL A 274 -0.84 15.33 -13.05
CA VAL A 274 -0.96 15.80 -11.67
C VAL A 274 -2.16 15.17 -10.98
N GLU A 275 -2.11 15.16 -9.64
CA GLU A 275 -3.21 14.67 -8.84
C GLU A 275 -3.37 15.53 -7.60
N ALA A 276 -4.63 15.80 -7.23
CA ALA A 276 -4.92 16.64 -6.08
C ALA A 276 -4.93 15.78 -4.81
N VAL A 277 -4.37 16.32 -3.74
CA VAL A 277 -4.25 15.65 -2.45
C VAL A 277 -4.95 16.51 -1.41
N TYR A 278 -5.85 15.90 -0.64
CA TYR A 278 -6.54 16.57 0.44
C TYR A 278 -5.81 16.26 1.74
N VAL A 279 -5.50 17.29 2.53
CA VAL A 279 -4.65 17.17 3.69
C VAL A 279 -5.38 17.74 4.90
N MET A 280 -5.34 17.01 6.02
CA MET A 280 -6.06 17.38 7.23
C MET A 280 -5.09 17.38 8.39
N LEU A 281 -5.20 18.38 9.25
CA LEU A 281 -4.30 18.51 10.39
C LEU A 281 -5.09 18.40 11.68
N ASN A 282 -4.36 18.17 12.78
CA ASN A 282 -5.02 18.13 14.08
C ASN A 282 -5.59 19.49 14.43
N ASP A 283 -6.71 19.46 15.14
CA ASP A 283 -7.20 20.64 15.85
C ASP A 283 -6.07 21.25 16.68
N PRO A 284 -5.90 22.58 16.68
CA PRO A 284 -4.83 23.18 17.50
C PRO A 284 -4.87 22.75 18.95
N LEU A 285 -6.06 22.41 19.45
CA LEU A 285 -6.20 22.07 20.87
C LEU A 285 -6.03 20.58 21.13
N ASP A 286 -5.85 19.77 20.10
CA ASP A 286 -5.66 18.33 20.23
C ASP A 286 -4.23 18.02 19.82
N SER A 287 -3.36 17.85 20.82
CA SER A 287 -1.92 17.84 20.60
C SER A 287 -1.22 16.71 21.36
N GLY A 288 -1.94 15.68 21.78
CA GLY A 288 -1.31 14.66 22.61
C GLY A 288 -1.29 15.10 24.05
N ARG A 289 -0.55 16.15 24.38
CA ARG A 289 -0.58 16.64 25.75
C ARG A 289 -1.98 17.12 26.12
N PHE A 290 -2.63 17.81 25.20
CA PHE A 290 -3.97 18.32 25.39
C PHE A 290 -4.96 17.70 24.42
N SER A 291 -6.22 17.73 24.82
CA SER A 291 -7.32 17.49 23.90
C SER A 291 -8.40 18.49 24.24
N ARG A 292 -9.16 18.89 23.24
CA ARG A 292 -10.29 19.76 23.50
C ARG A 292 -11.25 19.11 24.50
N LYS A 293 -11.41 17.79 24.41
CA LYS A 293 -12.31 17.07 25.31
C LYS A 293 -11.86 17.23 26.76
N GLN A 294 -10.55 17.06 27.04
CA GLN A 294 -10.09 17.16 28.41
C GLN A 294 -10.10 18.62 28.91
N LEU A 295 -9.70 19.57 28.06
CA LEU A 295 -9.79 20.97 28.44
C LEU A 295 -11.21 21.35 28.82
N ASP A 296 -12.19 20.86 28.06
CA ASP A 296 -13.59 21.15 28.36
C ASP A 296 -13.99 20.52 29.70
N LYS A 297 -13.62 19.25 29.90
CA LYS A 297 -13.93 18.56 31.16
C LYS A 297 -13.38 19.29 32.38
N LYS A 298 -12.20 19.89 32.27
CA LYS A 298 -11.53 20.46 33.44
C LYS A 298 -11.59 21.98 33.46
N TYR A 299 -12.39 22.59 32.59
CA TYR A 299 -12.48 24.05 32.54
C TYR A 299 -13.02 24.63 33.84
N LYS A 300 -13.71 23.81 34.64
CA LYS A 300 -14.16 24.23 35.97
C LYS A 300 -13.02 24.77 36.82
N HIS A 301 -11.79 24.37 36.56
CA HIS A 301 -10.63 24.86 37.31
C HIS A 301 -9.97 26.10 36.69
N ALA A 302 -10.49 26.63 35.59
CA ALA A 302 -9.77 27.70 34.89
C ALA A 302 -9.64 28.96 35.73
N GLY A 303 -10.58 29.19 36.66
CA GLY A 303 -10.46 30.34 37.54
C GLY A 303 -9.21 30.30 38.41
N ASP A 304 -8.78 29.10 38.82
CA ASP A 304 -7.52 28.98 39.56
C ASP A 304 -6.31 29.36 38.72
N PHE A 305 -6.46 29.39 37.39
CA PHE A 305 -5.37 29.87 36.54
C PHE A 305 -5.64 31.28 36.01
N GLY A 306 -6.51 32.05 36.68
CA GLY A 306 -6.68 33.44 36.36
C GLY A 306 -7.62 33.75 35.22
N ILE A 307 -8.49 32.80 34.84
CA ILE A 307 -9.39 32.98 33.71
C ILE A 307 -10.79 33.22 34.25
N SER A 308 -11.35 34.41 33.95
CA SER A 308 -12.65 34.78 34.49
C SER A 308 -13.82 34.27 33.66
N ASP A 309 -13.60 33.98 32.38
CA ASP A 309 -14.69 33.63 31.48
C ASP A 309 -15.44 32.39 31.98
N THR A 310 -16.77 32.44 31.94
CA THR A 310 -17.53 31.26 32.29
C THR A 310 -18.02 30.48 31.07
N LYS A 311 -18.14 31.10 29.90
CA LYS A 311 -18.51 30.38 28.70
C LYS A 311 -17.38 29.47 28.24
N LYS A 312 -17.74 28.28 27.77
CA LYS A 312 -16.77 27.36 27.18
C LYS A 312 -16.89 27.43 25.67
N ASN A 313 -15.86 27.93 25.02
CA ASN A 313 -15.83 27.98 23.56
C ASN A 313 -14.37 27.89 23.13
N ARG A 314 -14.11 27.97 21.83
CA ARG A 314 -12.74 27.79 21.36
C ARG A 314 -11.81 28.78 22.03
N GLU A 315 -12.25 30.03 22.11
CA GLU A 315 -11.48 31.11 22.71
C GLU A 315 -11.13 30.82 24.17
N THR A 316 -12.10 30.42 24.97
CA THR A 316 -11.80 30.25 26.39
C THR A 316 -11.07 28.94 26.67
N LEU A 317 -11.34 27.88 25.90
CA LEU A 317 -10.55 26.66 26.05
C LEU A 317 -9.11 26.89 25.60
N THR A 318 -8.89 27.76 24.60
CA THR A 318 -7.52 28.12 24.23
C THR A 318 -6.86 28.94 25.34
N LYS A 319 -7.60 29.83 25.99
CA LYS A 319 -7.06 30.52 27.18
C LYS A 319 -6.56 29.52 28.22
N PHE A 320 -7.40 28.52 28.54
CA PHE A 320 -7.06 27.51 29.55
C PHE A 320 -5.84 26.70 29.12
N ARG A 321 -5.81 26.24 27.87
CA ARG A 321 -4.64 25.54 27.35
C ARG A 321 -3.37 26.39 27.50
N ASP A 322 -3.46 27.65 27.08
CA ASP A 322 -2.29 28.54 27.17
C ASP A 322 -1.90 28.79 28.64
N ALA A 323 -2.88 28.92 29.53
CA ALA A 323 -2.55 29.13 30.95
C ALA A 323 -1.81 27.92 31.51
N ILE A 324 -2.23 26.72 31.16
CA ILE A 324 -1.51 25.53 31.60
C ILE A 324 -0.09 25.53 31.04
N GLU A 325 0.08 25.91 29.76
CA GLU A 325 1.42 25.97 29.19
C GLU A 325 2.28 27.03 29.88
N GLU A 326 1.70 28.19 30.22
CA GLU A 326 2.47 29.23 30.93
C GLU A 326 2.93 28.73 32.30
N HIS A 327 2.06 28.00 33.00
CA HIS A 327 2.44 27.39 34.27
C HIS A 327 3.59 26.40 34.09
N LEU A 328 3.49 25.52 33.09
CA LEU A 328 4.53 24.52 32.89
C LEU A 328 5.83 25.12 32.41
N SER A 329 5.79 26.30 31.78
CA SER A 329 7.00 26.94 31.26
C SER A 329 7.66 27.85 32.26
N ASP A 330 6.94 28.22 33.32
CA ASP A 330 7.47 29.15 34.31
C ASP A 330 8.72 28.55 34.95
N LYS A 331 9.77 29.36 35.04
CA LYS A 331 11.04 28.86 35.57
C LYS A 331 10.93 28.42 37.01
N ASP A 332 9.97 28.98 37.77
CA ASP A 332 9.84 28.52 39.15
C ASP A 332 8.89 27.35 39.32
N THR A 333 8.24 26.88 38.26
CA THR A 333 7.43 25.67 38.40
C THR A 333 8.35 24.46 38.43
N VAL A 334 8.10 23.55 39.37
CA VAL A 334 8.97 22.41 39.61
C VAL A 334 8.14 21.13 39.65
N GLU A 335 8.77 20.01 39.30
CA GLU A 335 8.14 18.72 39.53
C GLU A 335 8.12 18.44 41.02
N LYS A 336 6.96 18.07 41.56
CA LYS A 336 6.81 17.89 43.00
C LYS A 336 5.73 16.84 43.21
N GLY A 337 6.15 15.60 43.40
CA GLY A 337 5.25 14.56 43.84
C GLY A 337 4.45 13.92 42.71
N THR A 338 3.30 13.37 43.10
CA THR A 338 2.53 12.52 42.21
C THR A 338 1.08 12.54 42.63
N TYR A 339 0.21 12.12 41.71
CA TYR A 339 -1.24 12.05 41.96
C TYR A 339 -1.62 10.58 42.06
N ARG A 340 -1.98 10.15 43.28
CA ARG A 340 -2.11 8.73 43.63
C ARG A 340 -3.01 7.98 42.66
N ARG A 341 -4.13 8.61 42.27
CA ARG A 341 -5.15 7.99 41.45
C ARG A 341 -4.65 7.64 40.05
N GLU A 342 -3.58 8.30 39.58
CA GLU A 342 -3.00 8.07 38.25
C GLU A 342 -1.56 7.58 38.43
N LYS A 343 -1.38 6.26 38.42
CA LYS A 343 -0.07 5.68 38.68
C LYS A 343 0.97 6.24 37.70
N GLY A 344 2.09 6.70 38.24
CA GLY A 344 3.15 7.22 37.39
C GLY A 344 2.92 8.63 36.89
N SER A 345 1.87 9.30 37.34
CA SER A 345 1.68 10.70 37.00
C SER A 345 2.74 11.56 37.69
N LYS A 346 3.00 12.71 37.10
CA LYS A 346 3.89 13.70 37.69
C LYS A 346 3.09 14.96 37.96
N VAL A 347 3.40 15.63 39.08
CA VAL A 347 2.71 16.87 39.46
C VAL A 347 3.71 18.01 39.34
N TYR A 348 3.28 19.11 38.72
CA TYR A 348 4.13 20.28 38.50
C TYR A 348 3.56 21.43 39.31
N PHE A 349 4.33 21.91 40.28
CA PHE A 349 3.87 22.86 41.29
C PHE A 349 4.55 24.19 41.10
N ASN A 350 3.78 25.28 41.25
CA ASN A 350 4.38 26.61 41.27
C ASN A 350 4.26 27.20 42.67
N PRO A 351 5.36 27.57 43.33
CA PRO A 351 5.27 28.06 44.72
C PRO A 351 4.73 29.47 44.86
N ASN A 352 4.55 30.21 43.77
CA ASN A 352 4.02 31.56 43.88
C ASN A 352 2.51 31.59 43.68
N THR A 353 2.02 30.97 42.61
CA THR A 353 0.57 30.86 42.43
C THR A 353 -0.04 29.74 43.25
N MET A 354 0.77 28.79 43.74
CA MET A 354 0.35 27.58 44.43
C MET A 354 -0.46 26.64 43.55
N ASN A 355 -0.36 26.80 42.23
CA ASN A 355 -1.08 25.91 41.33
C ASN A 355 -0.32 24.61 41.12
N VAL A 356 -1.08 23.53 40.94
CA VAL A 356 -0.54 22.26 40.47
C VAL A 356 -1.16 21.94 39.13
N VAL A 357 -0.39 21.24 38.29
CA VAL A 357 -0.90 20.64 37.05
C VAL A 357 -0.44 19.18 37.04
N ILE A 358 -1.38 18.27 36.77
CA ILE A 358 -1.11 16.83 36.75
C ILE A 358 -0.91 16.35 35.32
N ILE A 359 0.19 15.66 35.06
CA ILE A 359 0.49 15.06 33.77
C ILE A 359 0.54 13.54 33.96
N LYS A 360 -0.25 12.82 33.17
CA LYS A 360 -0.21 11.36 33.26
C LYS A 360 1.11 10.82 32.73
N SER A 361 1.37 9.54 33.02
CA SER A 361 2.62 8.93 32.60
C SER A 361 2.77 8.94 31.09
N ASN A 362 1.66 8.90 30.35
CA ASN A 362 1.74 8.97 28.89
C ASN A 362 1.90 10.40 28.38
N GLY A 363 2.01 11.39 29.27
CA GLY A 363 2.21 12.77 28.88
C GLY A 363 0.94 13.58 28.71
N GLU A 364 -0.24 12.98 28.93
CA GLU A 364 -1.50 13.69 28.81
C GLU A 364 -1.74 14.61 29.99
N PHE A 365 -2.12 15.84 29.72
CA PHE A 365 -2.66 16.69 30.77
C PHE A 365 -3.90 16.03 31.38
N LEU A 366 -3.93 15.93 32.70
CA LEU A 366 -5.10 15.39 33.39
C LEU A 366 -5.97 16.50 33.99
N SER A 367 -5.39 17.31 34.87
CA SER A 367 -6.16 18.33 35.58
C SER A 367 -5.17 19.27 36.27
N GLY A 368 -5.72 20.31 36.89
CA GLY A 368 -4.92 21.21 37.70
C GLY A 368 -5.82 22.11 38.51
N TRP A 369 -5.24 22.71 39.55
CA TRP A 369 -5.99 23.55 40.48
C TRP A 369 -5.02 24.23 41.43
N LYS A 370 -5.57 25.13 42.27
CA LYS A 370 -4.78 25.87 43.24
C LYS A 370 -4.78 25.15 44.58
N ILE A 371 -3.58 24.92 45.13
CA ILE A 371 -3.43 24.32 46.45
C ILE A 371 -3.87 25.31 47.52
N ASN A 372 -4.67 24.84 48.48
CA ASN A 372 -4.99 25.59 49.69
C ASN A 372 -4.06 25.13 50.80
N PRO A 373 -3.04 25.91 51.17
CA PRO A 373 -2.06 25.46 52.17
C PRO A 373 -2.63 25.37 53.57
N ASP A 374 -3.80 25.93 53.82
CA ASP A 374 -4.38 25.88 55.15
C ASP A 374 -5.42 24.78 55.30
N ALA A 375 -5.60 23.95 54.28
CA ALA A 375 -6.51 22.81 54.32
C ALA A 375 -5.71 21.53 54.47
N ASP A 376 -6.36 20.50 55.04
CA ASP A 376 -5.67 19.23 55.30
C ASP A 376 -5.00 18.67 54.06
N ASN A 377 -5.74 18.55 52.95
CA ASN A 377 -5.17 17.88 51.79
C ASN A 377 -4.06 18.71 51.14
N GLY A 378 -4.20 20.04 51.18
CA GLY A 378 -3.16 20.89 50.62
C GLY A 378 -1.89 20.84 51.45
N ARG A 379 -2.06 20.84 52.78
CA ARG A 379 -0.92 20.69 53.68
C ARG A 379 -0.22 19.35 53.48
N ILE A 380 -0.98 18.29 53.31
CA ILE A 380 -0.37 16.99 53.05
C ILE A 380 0.43 17.02 51.75
N TYR A 381 -0.13 17.64 50.70
CA TYR A 381 0.61 17.69 49.44
C TYR A 381 1.90 18.50 49.58
N LEU A 382 1.82 19.70 50.16
CA LEU A 382 3.03 20.51 50.31
C LEU A 382 4.06 19.79 51.15
N GLU A 383 3.62 19.05 52.15
CA GLU A 383 4.56 18.38 53.03
C GLU A 383 5.13 17.11 52.41
N THR A 384 4.34 16.36 51.64
CA THR A 384 4.77 15.03 51.19
C THR A 384 4.84 14.86 49.69
N GLY A 385 4.25 15.74 48.89
CA GLY A 385 4.18 15.50 47.46
C GLY A 385 3.05 14.58 47.02
N GLU A 386 2.28 14.03 47.96
CA GLU A 386 1.13 13.19 47.60
C GLU A 386 -0.07 14.08 47.36
N LEU A 387 -0.51 14.17 46.12
CA LEU A 387 -1.65 15.01 45.75
C LEU A 387 -2.93 14.18 45.75
N MET B 1 28.27 28.87 -12.51
CA MET B 1 27.11 28.75 -13.38
C MET B 1 26.82 27.28 -13.69
N HIS B 2 25.57 26.99 -13.99
CA HIS B 2 25.17 25.71 -14.56
C HIS B 2 25.39 24.56 -13.61
N GLU B 3 25.42 24.85 -12.30
CA GLU B 3 25.59 23.79 -11.31
C GLU B 3 24.46 22.78 -11.41
N GLU B 4 23.24 23.25 -11.66
CA GLU B 4 22.12 22.33 -11.82
C GLU B 4 22.28 21.46 -13.07
N ALA B 5 22.72 22.07 -14.17
CA ALA B 5 22.93 21.32 -15.40
C ALA B 5 23.99 20.23 -15.21
N VAL B 6 25.05 20.54 -14.44
CA VAL B 6 26.08 19.54 -14.19
C VAL B 6 25.53 18.38 -13.35
N ALA B 7 24.80 18.70 -12.28
CA ALA B 7 24.21 17.64 -11.44
C ALA B 7 23.26 16.76 -12.24
N ARG B 8 22.44 17.37 -13.10
CA ARG B 8 21.51 16.59 -13.92
C ARG B 8 22.26 15.71 -14.91
N ALA B 9 23.35 16.21 -15.50
CA ALA B 9 24.08 15.36 -16.44
C ALA B 9 24.72 14.19 -15.73
N GLU B 10 25.25 14.43 -14.53
CA GLU B 10 25.84 13.36 -13.73
C GLU B 10 24.80 12.33 -13.34
N ALA B 11 23.60 12.80 -12.97
CA ALA B 11 22.50 11.89 -12.62
C ALA B 11 22.11 11.04 -13.82
N GLU B 12 22.04 11.67 -15.00
CA GLU B 12 21.68 10.95 -16.21
C GLU B 12 22.73 9.91 -16.57
N LYS B 13 24.01 10.26 -16.45
CA LYS B 13 25.05 9.27 -16.68
C LYS B 13 24.91 8.07 -15.73
N ALA B 14 24.75 8.35 -14.44
CA ALA B 14 24.65 7.26 -13.47
C ALA B 14 23.42 6.40 -13.74
N LYS B 15 22.32 7.04 -14.12
CA LYS B 15 21.09 6.30 -14.41
C LYS B 15 21.26 5.39 -15.61
N ALA B 16 21.83 5.91 -16.70
CA ALA B 16 22.02 5.11 -17.90
C ALA B 16 22.94 3.92 -17.62
N GLU B 17 23.98 4.14 -16.81
CA GLU B 17 24.93 3.09 -16.48
C GLU B 17 24.26 1.98 -15.66
N LEU B 18 23.51 2.35 -14.61
CA LEU B 18 22.77 1.36 -13.82
C LEU B 18 21.74 0.64 -14.66
N PHE B 19 20.95 1.41 -15.44
CA PHE B 19 19.95 0.81 -16.30
C PHE B 19 20.59 -0.16 -17.29
N SER B 20 21.75 0.18 -17.82
CA SER B 20 22.44 -0.71 -18.76
C SER B 20 22.78 -2.04 -18.11
N LYS B 21 23.35 -1.99 -16.90
CA LYS B 21 23.69 -3.22 -16.20
C LYS B 21 22.44 -4.04 -15.88
N ALA B 22 21.35 -3.36 -15.57
CA ALA B 22 20.11 -4.01 -15.13
C ALA B 22 19.20 -4.44 -16.27
N GLY B 23 19.56 -4.12 -17.51
CA GLY B 23 18.67 -4.41 -18.62
C GLY B 23 17.42 -3.55 -18.63
N VAL B 24 17.47 -2.37 -18.05
CA VAL B 24 16.29 -1.53 -17.86
C VAL B 24 16.26 -0.40 -18.90
N ASN B 25 15.06 -0.16 -19.45
CA ASN B 25 14.77 1.02 -20.27
C ASN B 25 13.80 1.91 -19.52
N GLN B 26 14.01 3.22 -19.59
CA GLN B 26 13.07 4.09 -18.90
C GLN B 26 11.71 4.03 -19.61
N PRO B 27 10.62 4.25 -18.89
CA PRO B 27 9.30 4.21 -19.51
C PRO B 27 9.21 5.16 -20.65
N PRO B 28 8.43 4.86 -21.69
CA PRO B 28 8.23 5.78 -22.79
C PRO B 28 7.08 6.75 -22.49
N VAL B 29 6.91 7.70 -23.36
CA VAL B 29 5.65 8.43 -23.38
C VAL B 29 4.76 7.76 -24.43
N TYR B 30 3.45 7.93 -24.27
CA TYR B 30 2.48 7.18 -25.07
C TYR B 30 1.60 8.13 -25.85
N THR B 31 1.58 7.97 -27.17
CA THR B 31 0.48 8.49 -27.95
C THR B 31 -0.81 7.78 -27.54
N GLN B 32 -1.93 8.43 -27.85
CA GLN B 32 -3.23 7.79 -27.68
C GLN B 32 -3.26 6.40 -28.31
N GLU B 33 -2.68 6.27 -29.51
CA GLU B 33 -2.74 5.00 -30.23
C GLU B 33 -1.88 3.93 -29.56
N MET B 34 -0.68 4.28 -29.09
CA MET B 34 0.12 3.31 -28.36
C MET B 34 -0.62 2.80 -27.14
N MET B 35 -1.29 3.72 -26.42
CA MET B 35 -2.02 3.32 -25.23
C MET B 35 -3.11 2.33 -25.58
N GLU B 36 -3.81 2.57 -26.69
CA GLU B 36 -4.86 1.65 -27.10
C GLU B 36 -4.30 0.29 -27.50
N ARG B 37 -3.16 0.27 -28.18
CA ARG B 37 -2.52 -1.00 -28.52
C ARG B 37 -2.10 -1.74 -27.25
N ALA B 38 -1.47 -1.03 -26.31
CA ALA B 38 -1.05 -1.64 -25.05
C ALA B 38 -2.25 -2.16 -24.24
N ASN B 39 -3.32 -1.36 -24.16
CA ASN B 39 -4.48 -1.83 -23.42
C ASN B 39 -5.09 -3.08 -24.06
N SER B 40 -5.06 -3.17 -25.40
CA SER B 40 -5.60 -4.35 -26.06
C SER B 40 -4.77 -5.59 -25.76
N VAL B 41 -3.45 -5.46 -25.74
CA VAL B 41 -2.60 -6.62 -25.48
C VAL B 41 -2.75 -7.09 -24.03
N MET B 42 -2.90 -6.15 -23.09
CA MET B 42 -3.05 -6.54 -21.69
C MET B 42 -4.41 -7.14 -21.38
N ASN B 43 -5.41 -6.95 -22.23
CA ASN B 43 -6.73 -7.50 -21.99
C ASN B 43 -6.94 -8.83 -22.72
N GLU B 44 -5.91 -9.35 -23.39
CA GLU B 44 -5.97 -10.71 -23.91
C GLU B 44 -6.20 -11.69 -22.77
N GLN B 45 -6.92 -12.78 -23.09
CA GLN B 45 -7.53 -13.60 -22.06
C GLN B 45 -6.50 -14.17 -21.07
N GLY B 46 -5.34 -14.58 -21.57
CA GLY B 46 -4.35 -15.21 -20.71
C GLY B 46 -3.20 -14.31 -20.29
N ALA B 47 -3.39 -13.00 -20.35
CA ALA B 47 -2.30 -12.10 -20.03
C ALA B 47 -1.95 -12.14 -18.55
N LEU B 48 -0.65 -12.17 -18.27
CA LEU B 48 -0.09 -11.95 -16.93
C LEU B 48 0.75 -10.70 -16.98
N VAL B 49 0.43 -9.70 -16.15
CA VAL B 49 1.07 -8.39 -16.21
C VAL B 49 1.79 -8.12 -14.89
N LEU B 50 3.06 -7.71 -15.01
CA LEU B 50 3.79 -7.04 -13.93
C LEU B 50 3.71 -5.54 -14.14
N ASN B 51 3.44 -4.81 -13.06
CA ASN B 51 3.55 -3.35 -13.07
C ASN B 51 4.89 -2.92 -12.49
N ASN B 52 5.50 -1.87 -13.07
CA ASN B 52 6.75 -1.35 -12.52
C ASN B 52 6.52 -0.34 -11.41
N THR B 53 5.44 -0.48 -10.65
CA THR B 53 5.25 0.28 -9.42
C THR B 53 6.36 -0.06 -8.43
N ALA B 54 7.19 0.93 -8.09
CA ALA B 54 8.39 0.63 -7.32
C ALA B 54 8.08 0.19 -5.89
N SER B 55 8.88 -0.75 -5.39
CA SER B 55 8.80 -1.23 -4.00
C SER B 55 7.41 -1.80 -3.66
N SER B 56 6.80 -2.48 -4.61
CA SER B 56 5.46 -2.98 -4.43
C SER B 56 5.46 -4.50 -4.38
N VAL B 57 4.43 -5.04 -3.73
CA VAL B 57 4.10 -6.46 -3.76
C VAL B 57 2.90 -6.60 -4.69
N GLN B 58 2.96 -7.58 -5.60
CA GLN B 58 1.86 -7.76 -6.55
C GLN B 58 1.47 -9.22 -6.69
N LEU B 59 0.19 -9.42 -6.93
CA LEU B 59 -0.37 -10.73 -7.23
C LEU B 59 -1.21 -10.58 -8.48
N ALA B 60 -0.83 -11.29 -9.52
CA ALA B 60 -1.53 -11.24 -10.80
C ALA B 60 -2.14 -12.60 -11.08
N MET B 61 -3.35 -12.60 -11.63
CA MET B 61 -4.01 -13.84 -12.03
C MET B 61 -4.71 -13.62 -13.37
N THR B 62 -4.59 -14.61 -14.26
CA THR B 62 -5.22 -14.50 -15.57
C THR B 62 -6.71 -14.24 -15.42
N GLY B 63 -7.21 -13.29 -16.21
CA GLY B 63 -8.62 -12.98 -16.22
C GLY B 63 -9.16 -12.17 -15.06
N THR B 64 -8.37 -11.91 -14.02
CA THR B 64 -8.86 -11.12 -12.90
C THR B 64 -7.98 -9.93 -12.52
N GLY B 65 -6.81 -9.76 -13.13
CA GLY B 65 -6.05 -8.53 -12.95
C GLY B 65 -4.99 -8.58 -11.86
N VAL B 66 -4.42 -7.41 -11.59
CA VAL B 66 -3.28 -7.26 -10.70
C VAL B 66 -3.74 -6.59 -9.40
N TRP B 67 -3.37 -7.20 -8.28
CA TRP B 67 -3.52 -6.62 -6.97
C TRP B 67 -2.16 -6.10 -6.53
N THR B 68 -2.14 -4.90 -5.93
CA THR B 68 -0.91 -4.19 -5.60
C THR B 68 -0.93 -3.75 -4.15
N ALA B 69 0.22 -3.88 -3.47
CA ALA B 69 0.40 -3.31 -2.14
C ALA B 69 1.76 -2.63 -2.09
N ALA B 70 1.77 -1.38 -1.62
CA ALA B 70 3.01 -0.65 -1.44
C ALA B 70 2.89 0.20 -0.18
N GLY B 71 4.04 0.56 0.38
CA GLY B 71 4.06 1.34 1.60
C GLY B 71 4.26 0.48 2.83
N ASP B 72 4.06 1.11 3.98
CA ASP B 72 4.23 0.38 5.22
C ASP B 72 3.28 -0.79 5.26
N ILE B 73 2.06 -0.58 4.74
CA ILE B 73 0.96 -1.53 4.73
C ILE B 73 1.30 -2.75 3.88
N ALA B 74 2.53 -2.80 3.38
CA ALA B 74 3.15 -4.05 2.96
C ALA B 74 3.78 -4.62 4.22
N GLY B 75 2.98 -5.35 5.00
CA GLY B 75 3.44 -5.93 6.26
C GLY B 75 3.73 -7.41 6.12
N ASN B 76 3.08 -8.06 5.15
CA ASN B 76 3.43 -9.41 4.74
C ASN B 76 4.88 -9.51 4.32
N ILE B 77 5.54 -8.37 4.12
CA ILE B 77 7.00 -8.34 4.10
C ILE B 77 7.56 -9.26 5.18
N SER B 78 7.06 -9.12 6.41
CA SER B 78 7.58 -9.87 7.55
C SER B 78 7.27 -11.34 7.47
N LYS B 79 6.24 -11.75 6.74
CA LYS B 79 6.16 -13.15 6.38
C LYS B 79 7.50 -13.61 5.83
N PHE B 80 8.02 -12.94 4.80
CA PHE B 80 9.31 -13.34 4.26
C PHE B 80 10.47 -13.08 5.20
N PHE B 81 10.33 -12.11 6.12
CA PHE B 81 11.40 -11.92 7.09
C PHE B 81 11.46 -13.11 8.03
N SER B 82 10.31 -13.48 8.62
CA SER B 82 10.26 -14.59 9.56
C SER B 82 10.89 -15.87 9.01
N ASN B 83 10.64 -16.22 7.74
CA ASN B 83 11.22 -17.46 7.24
C ASN B 83 12.72 -17.32 7.04
N ALA B 84 13.18 -16.16 6.59
CA ALA B 84 14.62 -15.97 6.47
C ALA B 84 15.31 -16.20 7.81
N LEU B 85 14.60 -15.99 8.93
CA LEU B 85 15.16 -16.37 10.23
C LEU B 85 15.04 -17.87 10.46
N GLU B 86 13.87 -18.46 10.18
CA GLU B 86 13.62 -19.88 10.41
C GLU B 86 14.63 -20.79 9.73
N LYS B 87 15.46 -20.24 8.83
CA LYS B 87 16.39 -21.03 8.04
C LYS B 87 17.68 -21.36 8.73
N VAL B 88 17.83 -21.01 9.99
CA VAL B 88 19.09 -21.29 10.66
C VAL B 88 19.18 -22.77 11.01
N THR B 89 18.06 -23.39 11.35
CA THR B 89 17.98 -24.78 11.82
C THR B 89 18.75 -25.79 10.97
N SER B 94 13.63 -28.48 8.11
CA SER B 94 12.51 -28.78 7.21
C SER B 94 12.53 -27.88 5.97
N PRO B 95 12.50 -28.50 4.78
CA PRO B 95 12.61 -27.71 3.53
C PRO B 95 11.47 -26.70 3.35
N LEU B 96 10.23 -27.16 3.41
CA LEU B 96 9.09 -26.26 3.44
C LEU B 96 9.13 -25.44 4.72
N LEU B 97 9.28 -24.12 4.58
CA LEU B 97 9.37 -23.25 5.73
C LEU B 97 8.07 -22.57 6.09
N MET B 98 7.15 -22.44 5.14
CA MET B 98 5.87 -21.78 5.37
C MET B 98 4.99 -21.97 4.16
N ARG B 99 3.69 -21.96 4.42
CA ARG B 99 2.69 -21.94 3.37
C ARG B 99 1.72 -20.82 3.70
N ILE B 100 1.56 -19.88 2.77
CA ILE B 100 0.75 -18.69 2.99
C ILE B 100 -0.42 -18.73 2.02
N SER B 101 -1.62 -18.81 2.55
CA SER B 101 -2.80 -18.60 1.73
C SER B 101 -2.88 -17.14 1.32
N LEU B 102 -3.30 -16.91 0.07
CA LEU B 102 -3.52 -15.58 -0.44
C LEU B 102 -5.00 -15.29 -0.62
N GLY B 103 -5.87 -16.23 -0.29
CA GLY B 103 -7.29 -16.11 -0.54
C GLY B 103 -7.74 -17.21 -1.47
N ALA B 104 -9.04 -17.49 -1.51
CA ALA B 104 -9.57 -18.50 -2.41
C ALA B 104 -9.38 -18.08 -3.87
N ASN B 123 -6.19 -23.20 -17.86
CA ASN B 123 -7.22 -22.38 -17.24
C ASN B 123 -6.66 -21.06 -16.73
N LEU B 124 -6.25 -21.08 -15.47
CA LEU B 124 -6.00 -19.90 -14.65
C LEU B 124 -4.58 -19.97 -14.11
N GLU B 125 -3.75 -18.98 -14.44
CA GLU B 125 -2.37 -18.91 -13.99
C GLU B 125 -2.19 -17.69 -13.08
N ALA B 126 -1.12 -17.71 -12.29
CA ALA B 126 -0.93 -16.68 -11.27
C ALA B 126 0.54 -16.38 -11.08
N MET B 127 0.81 -15.17 -10.59
CA MET B 127 2.16 -14.62 -10.52
C MET B 127 2.24 -13.69 -9.31
N PHE B 128 3.23 -13.92 -8.46
CA PHE B 128 3.41 -13.17 -7.22
C PHE B 128 4.82 -12.58 -7.22
N SER B 129 4.93 -11.29 -6.89
CA SER B 129 6.23 -10.64 -6.99
C SER B 129 6.42 -9.65 -5.85
N LEU B 130 7.67 -9.50 -5.43
CA LEU B 130 8.04 -8.56 -4.38
C LEU B 130 9.53 -8.27 -4.53
N SER B 131 10.02 -7.33 -3.72
CA SER B 131 11.42 -6.95 -3.81
C SER B 131 12.32 -8.13 -3.49
N ALA B 132 13.32 -8.33 -4.34
CA ALA B 132 14.23 -9.46 -4.16
C ALA B 132 15.22 -9.24 -3.02
N GLN B 133 15.51 -7.99 -2.65
CA GLN B 133 16.40 -7.74 -1.51
C GLN B 133 15.82 -8.28 -0.22
N MET B 134 14.49 -8.34 -0.13
CA MET B 134 13.85 -8.92 1.04
C MET B 134 14.28 -10.35 1.28
N LEU B 135 14.56 -11.11 0.22
CA LEU B 135 14.87 -12.53 0.34
C LEU B 135 16.35 -12.84 0.19
N ALA B 136 17.18 -11.86 -0.13
CA ALA B 136 18.60 -12.15 -0.18
C ALA B 136 19.11 -12.49 1.22
N GLY B 137 20.35 -12.95 1.30
CA GLY B 137 20.96 -13.20 2.59
C GLY B 137 21.11 -11.93 3.40
N GLN B 138 21.48 -12.11 4.67
CA GLN B 138 21.76 -10.95 5.50
C GLN B 138 23.11 -10.36 5.12
N GLY B 139 23.13 -9.05 4.93
CA GLY B 139 24.32 -8.40 4.41
C GLY B 139 24.57 -8.63 2.94
N VAL B 140 23.63 -9.23 2.22
CA VAL B 140 23.77 -9.48 0.79
C VAL B 140 23.13 -8.34 0.02
N VAL B 141 23.83 -7.82 -0.99
CA VAL B 141 23.31 -6.83 -1.91
C VAL B 141 23.30 -7.44 -3.29
N ILE B 142 22.14 -7.50 -3.91
CA ILE B 142 22.03 -8.01 -5.27
C ILE B 142 22.51 -6.92 -6.22
N GLU B 143 23.44 -7.26 -7.11
CA GLU B 143 24.07 -6.27 -7.95
C GLU B 143 23.59 -6.39 -9.39
N PRO B 144 23.25 -5.28 -10.04
CA PRO B 144 22.88 -5.33 -11.46
C PRO B 144 24.06 -5.84 -12.29
N GLY B 145 23.73 -6.59 -13.34
CA GLY B 145 24.71 -7.26 -14.14
C GLY B 145 24.83 -8.74 -13.86
N ALA B 146 24.47 -9.17 -12.65
CA ALA B 146 24.42 -10.60 -12.35
C ALA B 146 23.42 -11.31 -13.27
N THR B 147 23.77 -12.51 -13.73
CA THR B 147 22.86 -13.32 -14.53
C THR B 147 22.07 -14.32 -13.69
N SER B 148 22.47 -14.54 -12.44
CA SER B 148 21.64 -15.31 -11.53
C SER B 148 21.97 -14.88 -10.11
N VAL B 149 21.08 -15.23 -9.19
CA VAL B 149 21.18 -14.85 -7.80
C VAL B 149 20.90 -16.07 -6.94
N ASN B 150 21.77 -16.33 -5.96
CA ASN B 150 21.58 -17.44 -5.02
C ASN B 150 20.69 -16.95 -3.89
N LEU B 151 19.48 -17.51 -3.78
CA LEU B 151 18.58 -17.09 -2.71
C LEU B 151 18.47 -18.19 -1.65
N PRO B 152 18.41 -17.81 -0.37
CA PRO B 152 18.20 -18.84 0.69
C PRO B 152 16.77 -19.36 0.76
N VAL B 153 15.79 -18.67 0.15
CA VAL B 153 14.43 -19.18 -0.03
C VAL B 153 14.04 -19.04 -1.48
N ARG B 154 13.29 -20.01 -1.98
CA ARG B 154 12.53 -19.80 -3.20
C ARG B 154 11.07 -20.08 -2.94
N GLY B 155 10.22 -19.49 -3.77
CA GLY B 155 8.78 -19.59 -3.59
C GLY B 155 8.11 -20.27 -4.75
N GLN B 156 6.96 -20.88 -4.45
CA GLN B 156 6.14 -21.59 -5.43
C GLN B 156 4.68 -21.30 -5.15
N LEU B 157 3.94 -20.95 -6.20
CA LEU B 157 2.50 -20.74 -6.10
C LEU B 157 1.80 -22.06 -6.37
N ILE B 158 0.83 -22.40 -5.51
CA ILE B 158 0.13 -23.68 -5.56
C ILE B 158 -1.35 -23.45 -5.34
N ASN B 159 -2.13 -24.50 -5.59
CA ASN B 159 -3.53 -24.58 -5.23
C ASN B 159 -3.65 -25.58 -4.09
N SER B 160 -4.06 -25.13 -2.92
CA SER B 160 -4.23 -26.01 -1.78
C SER B 160 -5.61 -25.80 -1.20
N ASN B 161 -6.53 -26.73 -1.50
CA ASN B 161 -7.86 -26.77 -0.89
C ASN B 161 -8.62 -25.47 -1.16
N GLY B 162 -8.88 -25.23 -2.46
CA GLY B 162 -9.51 -24.01 -2.91
C GLY B 162 -8.68 -22.75 -2.79
N GLN B 163 -7.53 -22.81 -2.12
CA GLN B 163 -6.72 -21.63 -1.85
C GLN B 163 -5.62 -21.47 -2.88
N LEU B 164 -5.40 -20.24 -3.32
CA LEU B 164 -4.10 -19.89 -3.88
C LEU B 164 -3.15 -19.68 -2.73
N ALA B 165 -2.02 -20.38 -2.77
CA ALA B 165 -1.10 -20.33 -1.64
C ALA B 165 0.33 -20.27 -2.15
N LEU B 166 1.21 -19.81 -1.27
CA LEU B 166 2.62 -19.62 -1.55
C LEU B 166 3.42 -20.52 -0.62
N ASP B 167 4.21 -21.42 -1.20
CA ASP B 167 5.11 -22.26 -0.44
C ASP B 167 6.51 -21.66 -0.46
N LEU B 168 7.03 -21.36 0.72
CA LEU B 168 8.40 -20.82 0.84
C LEU B 168 9.32 -21.97 1.19
N LEU B 169 10.34 -22.18 0.37
CA LEU B 169 11.18 -23.37 0.44
C LEU B 169 12.61 -22.97 0.74
N LYS B 170 13.18 -23.62 1.75
CA LYS B 170 14.60 -23.52 2.01
C LYS B 170 15.39 -24.07 0.81
N THR B 171 16.40 -23.34 0.38
CA THR B 171 17.28 -23.87 -0.66
C THR B 171 18.51 -24.51 -0.02
N GLY B 172 19.17 -25.36 -0.80
CA GLY B 172 20.30 -26.11 -0.33
C GLY B 172 20.35 -27.51 -0.92
N ASN B 173 21.47 -28.21 -0.67
CA ASN B 173 21.70 -29.53 -1.24
C ASN B 173 20.55 -30.48 -0.94
N GLU B 174 19.99 -30.33 0.24
CA GLU B 174 18.93 -31.17 0.76
C GLU B 174 17.51 -30.91 0.26
N SER B 175 17.31 -29.88 -0.56
CA SER B 175 15.99 -29.64 -1.17
C SER B 175 15.80 -29.17 -2.63
N ILE B 176 16.22 -27.95 -2.89
CA ILE B 176 16.10 -27.32 -4.19
C ILE B 176 17.28 -26.38 -4.29
N PRO B 177 17.76 -26.15 -5.50
CA PRO B 177 18.94 -25.29 -5.65
C PRO B 177 18.62 -23.84 -5.29
N ALA B 178 19.68 -23.08 -5.03
CA ALA B 178 19.52 -21.68 -4.65
C ALA B 178 19.49 -20.72 -5.84
N ALA B 179 20.05 -21.13 -6.99
CA ALA B 179 20.25 -20.21 -8.09
C ALA B 179 18.94 -19.83 -8.79
N VAL B 180 18.72 -18.53 -8.90
CA VAL B 180 17.52 -17.97 -9.53
C VAL B 180 17.97 -17.13 -10.69
N PRO B 181 17.46 -17.34 -11.91
CA PRO B 181 17.94 -16.59 -13.08
C PRO B 181 17.48 -15.14 -13.07
N VAL B 182 18.35 -14.24 -13.53
CA VAL B 182 18.01 -12.85 -13.75
C VAL B 182 17.66 -12.68 -15.22
N LEU B 183 16.46 -12.15 -15.49
CA LEU B 183 15.96 -12.01 -16.84
C LEU B 183 15.87 -10.53 -17.23
N ASN B 184 15.96 -10.28 -18.54
CA ASN B 184 15.82 -8.94 -19.11
C ASN B 184 14.57 -8.86 -19.95
N ALA B 185 13.83 -7.76 -19.83
CA ALA B 185 12.60 -7.56 -20.58
C ALA B 185 12.90 -6.87 -21.90
N VAL B 186 12.11 -7.19 -22.92
CA VAL B 186 12.27 -6.58 -24.24
C VAL B 186 11.21 -5.51 -24.41
N ARG B 187 11.62 -4.31 -24.80
CA ARG B 187 10.67 -3.23 -25.07
C ARG B 187 10.03 -3.43 -26.44
N ASP B 188 8.70 -3.48 -26.47
CA ASP B 188 7.93 -3.49 -27.70
C ASP B 188 7.71 -2.03 -28.13
N THR B 189 8.34 -1.63 -29.23
CA THR B 189 8.24 -0.23 -29.63
C THR B 189 6.85 0.14 -30.11
N ALA B 190 6.00 -0.86 -30.41
CA ALA B 190 4.67 -0.58 -30.91
C ALA B 190 3.67 -0.30 -29.77
N THR B 191 3.80 -1.01 -28.65
CA THR B 191 2.90 -0.83 -27.54
C THR B 191 3.50 0.01 -26.42
N GLY B 192 4.82 0.12 -26.34
CA GLY B 192 5.40 0.72 -25.16
C GLY B 192 5.38 -0.16 -23.93
N LEU B 193 5.04 -1.44 -24.07
CA LEU B 193 5.11 -2.41 -22.99
C LEU B 193 6.42 -3.18 -23.07
N ASP B 194 6.77 -3.87 -22.00
CA ASP B 194 7.91 -4.76 -22.01
C ASP B 194 7.42 -6.19 -21.98
N LYS B 195 8.31 -7.11 -22.34
CA LYS B 195 7.93 -8.52 -22.35
C LYS B 195 9.07 -9.35 -21.76
N ILE B 196 8.71 -10.25 -20.86
CA ILE B 196 9.62 -11.24 -20.29
C ILE B 196 9.11 -12.61 -20.74
N THR B 197 10.03 -13.51 -21.08
CA THR B 197 9.62 -14.85 -21.52
C THR B 197 10.29 -15.88 -20.63
N LEU B 198 9.50 -16.88 -20.19
CA LEU B 198 10.02 -18.00 -19.44
C LEU B 198 10.09 -19.24 -20.34
N PRO B 199 11.13 -20.05 -20.21
CA PRO B 199 11.23 -21.23 -21.08
C PRO B 199 10.12 -22.23 -20.82
N ALA B 200 9.79 -22.98 -21.86
CA ALA B 200 8.95 -24.15 -21.69
C ALA B 200 9.58 -25.10 -20.69
N VAL B 201 8.73 -25.88 -20.00
CA VAL B 201 9.15 -26.91 -19.07
C VAL B 201 8.26 -28.14 -19.30
N VAL B 202 8.61 -29.24 -18.63
CA VAL B 202 7.74 -30.41 -18.65
C VAL B 202 6.38 -29.98 -18.09
N GLY B 203 5.36 -29.97 -18.93
CA GLY B 203 4.03 -29.61 -18.48
C GLY B 203 3.53 -28.23 -18.85
N ALA B 204 4.37 -27.39 -19.47
CA ALA B 204 3.89 -26.05 -19.84
C ALA B 204 4.71 -25.50 -20.98
N PRO B 205 4.10 -24.78 -21.92
CA PRO B 205 4.87 -24.12 -22.97
C PRO B 205 5.62 -22.90 -22.46
N SER B 206 6.34 -22.22 -23.34
CA SER B 206 6.94 -20.93 -22.99
C SER B 206 5.86 -20.01 -22.44
N ARG B 207 6.24 -19.17 -21.47
CA ARG B 207 5.30 -18.26 -20.80
C ARG B 207 5.68 -16.82 -21.09
N THR B 208 4.75 -16.07 -21.68
CA THR B 208 4.92 -14.63 -21.90
C THR B 208 4.38 -13.85 -20.70
N ILE B 209 5.19 -12.93 -20.20
CA ILE B 209 4.79 -12.06 -19.10
C ILE B 209 4.94 -10.62 -19.59
N LEU B 210 3.85 -9.87 -19.54
CA LEU B 210 3.86 -8.47 -19.95
C LEU B 210 4.27 -7.58 -18.79
N VAL B 211 4.93 -6.48 -19.10
CA VAL B 211 5.33 -5.52 -18.08
C VAL B 211 4.80 -4.16 -18.49
N ASN B 212 3.98 -3.56 -17.64
CA ASN B 212 3.56 -2.18 -17.84
C ASN B 212 4.65 -1.31 -17.21
N PRO B 213 5.45 -0.61 -17.99
CA PRO B 213 6.59 0.10 -17.42
C PRO B 213 6.22 1.37 -16.68
N VAL B 214 4.98 1.82 -16.73
CA VAL B 214 4.56 3.05 -16.07
C VAL B 214 4.11 2.70 -14.64
N PRO B 215 4.71 3.28 -13.61
CA PRO B 215 4.24 3.06 -12.24
C PRO B 215 2.74 3.31 -12.14
N GLN B 216 2.03 2.41 -11.49
CA GLN B 216 0.57 2.46 -11.44
C GLN B 216 0.06 1.77 -10.20
N PRO B 217 0.23 2.40 -9.03
CA PRO B 217 -0.33 1.80 -7.80
C PRO B 217 -1.83 1.65 -7.84
N SER B 218 -2.52 2.55 -8.54
CA SER B 218 -3.92 2.37 -8.89
C SER B 218 -4.16 3.09 -10.20
N VAL B 219 -5.34 2.88 -10.75
CA VAL B 219 -5.70 3.42 -12.06
C VAL B 219 -5.92 4.92 -11.94
N PRO B 220 -5.28 5.75 -12.77
CA PRO B 220 -5.60 7.18 -12.75
C PRO B 220 -7.00 7.43 -13.28
N THR B 221 -7.77 8.25 -12.55
CA THR B 221 -9.07 8.68 -13.05
C THR B 221 -8.91 9.35 -14.41
N ASP B 222 -9.76 8.98 -15.36
CA ASP B 222 -9.58 9.40 -16.76
C ASP B 222 -10.04 10.84 -16.91
N THR B 223 -9.11 11.76 -16.69
CA THR B 223 -9.40 13.19 -16.74
C THR B 223 -8.30 13.87 -17.54
N GLY B 224 -8.50 15.16 -17.78
CA GLY B 224 -7.49 15.96 -18.40
C GLY B 224 -6.27 16.22 -17.55
N ASN B 225 -6.19 15.64 -16.34
CA ASN B 225 -5.01 15.86 -15.53
C ASN B 225 -3.91 14.84 -15.79
N HIS B 226 -4.14 13.87 -16.67
CA HIS B 226 -3.17 12.81 -16.92
C HIS B 226 -2.94 12.69 -18.41
N GLN B 227 -1.78 12.20 -18.77
CA GLN B 227 -1.47 11.92 -20.17
C GLN B 227 -1.67 10.43 -20.45
N PRO B 228 -1.76 10.01 -21.72
CA PRO B 228 -2.07 8.60 -21.99
C PRO B 228 -0.97 7.68 -21.48
N VAL B 229 -1.38 6.62 -20.77
CA VAL B 229 -0.50 5.54 -20.34
C VAL B 229 -1.28 4.23 -20.39
N PRO B 230 -0.59 3.10 -20.52
CA PRO B 230 -1.28 1.81 -20.44
C PRO B 230 -1.91 1.66 -19.07
N VAL B 231 -3.12 1.10 -19.04
CA VAL B 231 -3.84 0.87 -17.80
C VAL B 231 -3.90 -0.64 -17.59
N THR B 232 -3.19 -1.12 -16.58
CA THR B 232 -3.20 -2.55 -16.28
C THR B 232 -4.53 -2.94 -15.63
N PRO B 233 -5.19 -4.03 -16.07
CA PRO B 233 -6.40 -4.48 -15.38
C PRO B 233 -6.12 -4.75 -13.91
N VAL B 234 -7.02 -4.24 -13.04
CA VAL B 234 -6.83 -4.32 -11.59
C VAL B 234 -7.67 -5.46 -11.04
N HIS B 235 -7.15 -6.11 -10.00
CA HIS B 235 -7.82 -7.24 -9.38
C HIS B 235 -9.15 -6.80 -8.76
N THR B 236 -10.23 -7.44 -9.18
CA THR B 236 -11.52 -7.35 -8.53
C THR B 236 -11.91 -8.74 -8.05
N GLY B 237 -12.85 -8.79 -7.11
CA GLY B 237 -13.24 -10.06 -6.54
C GLY B 237 -12.61 -10.33 -5.19
N THR B 238 -12.26 -11.60 -4.95
CA THR B 238 -11.92 -12.06 -3.60
C THR B 238 -10.84 -11.20 -2.94
N GLU B 239 -11.08 -10.87 -1.68
CA GLU B 239 -10.08 -10.20 -0.85
C GLU B 239 -8.76 -10.95 -0.90
N VAL B 240 -7.67 -10.22 -1.11
CA VAL B 240 -6.34 -10.78 -1.02
C VAL B 240 -5.86 -10.57 0.40
N LYS B 241 -5.78 -11.65 1.17
CA LYS B 241 -5.24 -11.58 2.53
C LYS B 241 -4.35 -12.79 2.76
N SER B 242 -3.30 -12.57 3.54
CA SER B 242 -2.27 -13.56 3.76
C SER B 242 -2.50 -14.21 5.13
N VAL B 243 -2.64 -15.53 5.14
CA VAL B 243 -2.78 -16.30 6.38
C VAL B 243 -1.89 -17.52 6.26
N GLU B 244 -1.09 -17.79 7.29
CA GLU B 244 -0.28 -19.00 7.31
C GLU B 244 -1.19 -20.22 7.40
N MET B 245 -0.79 -21.29 6.72
CA MET B 245 -1.56 -22.52 6.69
C MET B 245 -0.83 -23.63 7.40
N PRO B 246 -1.54 -24.52 8.09
CA PRO B 246 -0.88 -25.70 8.68
C PRO B 246 -0.50 -26.67 7.57
N VAL B 247 0.54 -27.45 7.84
CA VAL B 247 1.01 -28.41 6.84
C VAL B 247 1.75 -29.59 7.49
N VAL B 256 12.99 -28.96 -8.20
CA VAL B 256 11.65 -29.42 -8.56
C VAL B 256 11.18 -28.62 -9.77
N GLY B 257 10.61 -29.32 -10.75
CA GLY B 257 10.10 -28.71 -11.96
C GLY B 257 8.80 -27.96 -11.75
N GLY B 258 8.42 -27.80 -10.49
CA GLY B 258 7.31 -26.92 -10.17
C GLY B 258 7.71 -25.48 -9.92
N LEU B 259 8.97 -25.10 -10.17
CA LEU B 259 9.48 -23.77 -9.87
C LEU B 259 9.76 -23.02 -11.16
N ARG B 260 8.96 -22.00 -11.43
CA ARG B 260 9.26 -21.04 -12.51
C ARG B 260 9.34 -19.69 -11.82
N ASP B 261 10.48 -19.41 -11.23
CA ASP B 261 10.72 -18.14 -10.57
C ASP B 261 11.94 -17.47 -11.20
N PHE B 262 12.00 -16.14 -11.07
CA PHE B 262 13.08 -15.40 -11.69
C PHE B 262 13.19 -14.04 -11.00
N ILE B 263 14.23 -13.32 -11.36
CA ILE B 263 14.44 -11.94 -10.92
C ILE B 263 14.54 -11.06 -12.14
N TYR B 264 13.94 -9.88 -12.06
CA TYR B 264 14.17 -8.85 -13.07
C TYR B 264 14.33 -7.53 -12.35
N TRP B 265 14.80 -6.50 -13.07
CA TRP B 265 15.02 -5.18 -12.52
C TRP B 265 14.01 -4.19 -13.08
N ARG B 266 13.58 -3.24 -12.25
CA ARG B 266 12.75 -2.12 -12.62
C ARG B 266 13.33 -0.86 -12.00
N PRO B 267 12.98 0.32 -12.51
CA PRO B 267 13.46 1.54 -11.88
C PRO B 267 12.94 1.66 -10.44
N ASP B 268 13.75 2.27 -9.58
CA ASP B 268 13.37 2.52 -8.20
C ASP B 268 12.34 3.65 -8.13
N ALA B 269 11.90 3.98 -6.90
CA ALA B 269 10.81 4.96 -6.76
C ALA B 269 11.20 6.33 -7.29
N ALA B 270 12.45 6.73 -7.09
CA ALA B 270 12.95 7.99 -7.62
C ALA B 270 13.02 7.99 -9.14
N GLY B 271 13.10 6.81 -9.75
CA GLY B 271 13.22 6.70 -11.19
C GLY B 271 14.63 6.80 -11.72
N THR B 272 15.62 7.04 -10.86
CA THR B 272 17.00 7.27 -11.27
C THR B 272 17.94 6.13 -10.93
N GLY B 273 17.46 5.12 -10.22
CA GLY B 273 18.24 3.92 -9.95
C GLY B 273 17.40 2.68 -10.20
N VAL B 274 17.79 1.51 -9.68
CA VAL B 274 17.10 0.27 -10.02
C VAL B 274 16.84 -0.57 -8.78
N GLU B 275 15.82 -1.43 -8.88
CA GLU B 275 15.51 -2.35 -7.80
C GLU B 275 15.17 -3.72 -8.36
N ALA B 276 15.66 -4.75 -7.68
CA ALA B 276 15.46 -6.13 -8.10
C ALA B 276 14.14 -6.66 -7.58
N VAL B 277 13.42 -7.37 -8.46
CA VAL B 277 12.11 -7.94 -8.14
C VAL B 277 12.19 -9.45 -8.33
N TYR B 278 11.77 -10.18 -7.31
CA TYR B 278 11.67 -11.64 -7.35
C TYR B 278 10.24 -12.04 -7.70
N VAL B 279 10.08 -12.92 -8.69
CA VAL B 279 8.79 -13.22 -9.29
C VAL B 279 8.59 -14.74 -9.29
N MET B 280 7.41 -15.19 -8.85
CA MET B 280 7.09 -16.61 -8.78
C MET B 280 5.80 -16.88 -9.52
N LEU B 281 5.77 -17.96 -10.29
CA LEU B 281 4.59 -18.36 -11.02
C LEU B 281 4.05 -19.65 -10.43
N ASN B 282 2.80 -19.95 -10.77
CA ASN B 282 2.21 -21.20 -10.30
C ASN B 282 2.94 -22.42 -10.89
N ASP B 283 3.01 -23.48 -10.10
CA ASP B 283 3.39 -24.80 -10.61
C ASP B 283 2.58 -25.10 -11.88
N PRO B 284 3.20 -25.65 -12.93
CA PRO B 284 2.43 -25.99 -14.14
C PRO B 284 1.23 -26.88 -13.88
N LEU B 285 1.26 -27.68 -12.82
CA LEU B 285 0.13 -28.57 -12.56
C LEU B 285 -0.92 -27.95 -11.65
N ASP B 286 -0.67 -26.73 -11.13
CA ASP B 286 -1.61 -26.03 -10.27
C ASP B 286 -2.18 -24.84 -11.03
N SER B 287 -3.41 -25.00 -11.51
CA SER B 287 -3.97 -24.10 -12.50
C SER B 287 -5.44 -23.80 -12.25
N GLY B 288 -5.93 -23.97 -11.02
CA GLY B 288 -7.33 -23.73 -10.76
C GLY B 288 -8.18 -24.91 -11.19
N ARG B 289 -8.17 -25.23 -12.50
CA ARG B 289 -8.84 -26.44 -12.93
C ARG B 289 -8.19 -27.67 -12.34
N PHE B 290 -6.86 -27.74 -12.35
CA PHE B 290 -6.10 -28.84 -11.78
C PHE B 290 -5.25 -28.39 -10.61
N SER B 291 -4.95 -29.34 -9.72
CA SER B 291 -3.89 -29.17 -8.75
C SER B 291 -3.08 -30.46 -8.72
N ARG B 292 -1.78 -30.32 -8.40
CA ARG B 292 -0.96 -31.50 -8.23
C ARG B 292 -1.55 -32.44 -7.18
N LYS B 293 -2.09 -31.87 -6.10
CA LYS B 293 -2.68 -32.67 -5.03
C LYS B 293 -3.85 -33.52 -5.53
N GLN B 294 -4.77 -32.91 -6.30
CA GLN B 294 -5.93 -33.65 -6.77
C GLN B 294 -5.56 -34.66 -7.85
N LEU B 295 -4.61 -34.32 -8.72
CA LEU B 295 -4.16 -35.29 -9.72
C LEU B 295 -3.54 -36.51 -9.04
N ASP B 296 -2.75 -36.27 -8.00
CA ASP B 296 -2.19 -37.37 -7.23
C ASP B 296 -3.28 -38.22 -6.59
N LYS B 297 -4.26 -37.56 -5.94
CA LYS B 297 -5.35 -38.28 -5.29
C LYS B 297 -6.10 -39.19 -6.25
N LYS B 298 -6.29 -38.75 -7.50
CA LYS B 298 -7.13 -39.48 -8.44
C LYS B 298 -6.32 -40.26 -9.47
N TYR B 299 -5.01 -40.37 -9.29
CA TYR B 299 -4.20 -41.05 -10.30
C TYR B 299 -4.55 -42.53 -10.44
N LYS B 300 -5.21 -43.12 -9.43
CA LYS B 300 -5.73 -44.48 -9.53
C LYS B 300 -6.59 -44.69 -10.76
N HIS B 301 -7.17 -43.62 -11.31
CA HIS B 301 -8.00 -43.74 -12.50
C HIS B 301 -7.23 -43.53 -13.80
N ALA B 302 -5.92 -43.27 -13.76
CA ALA B 302 -5.20 -42.91 -14.99
C ALA B 302 -5.24 -44.01 -16.04
N GLY B 303 -5.29 -45.28 -15.61
CA GLY B 303 -5.38 -46.38 -16.55
C GLY B 303 -6.59 -46.30 -17.45
N ASP B 304 -7.71 -45.75 -16.95
CA ASP B 304 -8.87 -45.52 -17.80
C ASP B 304 -8.64 -44.42 -18.83
N PHE B 305 -7.57 -43.63 -18.67
CA PHE B 305 -7.23 -42.61 -19.65
C PHE B 305 -6.00 -43.00 -20.47
N GLY B 306 -5.67 -44.29 -20.52
CA GLY B 306 -4.63 -44.79 -21.41
C GLY B 306 -3.23 -44.72 -20.86
N ILE B 307 -3.07 -44.52 -19.55
CA ILE B 307 -1.76 -44.34 -18.94
C ILE B 307 -1.38 -45.60 -18.19
N SER B 308 -0.27 -46.24 -18.60
CA SER B 308 0.11 -47.51 -17.99
C SER B 308 1.02 -47.34 -16.78
N ASP B 309 1.61 -46.16 -16.59
CA ASP B 309 2.60 -45.96 -15.54
C ASP B 309 1.96 -46.11 -14.17
N THR B 310 2.63 -46.84 -13.28
CA THR B 310 2.15 -46.95 -11.91
C THR B 310 2.84 -45.97 -10.96
N LYS B 311 4.04 -45.51 -11.30
CA LYS B 311 4.70 -44.54 -10.43
C LYS B 311 4.02 -43.19 -10.57
N LYS B 312 3.91 -42.47 -9.45
CA LYS B 312 3.39 -41.10 -9.45
C LYS B 312 4.55 -40.13 -9.30
N ASN B 313 4.79 -39.34 -10.33
CA ASN B 313 5.83 -38.32 -10.30
C ASN B 313 5.37 -37.21 -11.24
N ARG B 314 6.20 -36.18 -11.40
CA ARG B 314 5.78 -35.03 -12.20
C ARG B 314 5.42 -35.47 -13.61
N GLU B 315 6.22 -36.37 -14.17
CA GLU B 315 6.02 -36.80 -15.54
C GLU B 315 4.69 -37.56 -15.68
N THR B 316 4.38 -38.47 -14.75
CA THR B 316 3.13 -39.21 -14.93
C THR B 316 1.91 -38.39 -14.50
N LEU B 317 2.05 -37.52 -13.50
CA LEU B 317 0.92 -36.64 -13.18
C LEU B 317 0.63 -35.67 -14.32
N THR B 318 1.68 -35.24 -15.03
CA THR B 318 1.48 -34.41 -16.23
C THR B 318 0.82 -35.21 -17.35
N LYS B 319 1.21 -36.47 -17.53
CA LYS B 319 0.47 -37.34 -18.47
C LYS B 319 -1.02 -37.34 -18.16
N PHE B 320 -1.36 -37.53 -16.88
CA PHE B 320 -2.75 -37.61 -16.44
C PHE B 320 -3.48 -36.29 -16.67
N ARG B 321 -2.88 -35.17 -16.24
CA ARG B 321 -3.43 -33.85 -16.52
C ARG B 321 -3.68 -33.68 -18.01
N ASP B 322 -2.68 -33.98 -18.84
CA ASP B 322 -2.83 -33.82 -20.28
C ASP B 322 -3.94 -34.70 -20.83
N ALA B 323 -4.07 -35.93 -20.32
CA ALA B 323 -5.12 -36.82 -20.83
C ALA B 323 -6.51 -36.31 -20.46
N ILE B 324 -6.67 -35.76 -19.25
CA ILE B 324 -7.95 -35.15 -18.88
C ILE B 324 -8.25 -33.98 -19.79
N GLU B 325 -7.24 -33.15 -20.08
CA GLU B 325 -7.44 -32.04 -21.01
C GLU B 325 -7.78 -32.54 -22.41
N GLU B 326 -7.13 -33.61 -22.86
CA GLU B 326 -7.48 -34.18 -24.17
C GLU B 326 -8.93 -34.63 -24.20
N HIS B 327 -9.41 -35.21 -23.08
CA HIS B 327 -10.81 -35.59 -22.98
C HIS B 327 -11.72 -34.37 -23.05
N LEU B 328 -11.41 -33.33 -22.27
CA LEU B 328 -12.28 -32.17 -22.22
C LEU B 328 -12.25 -31.39 -23.53
N SER B 329 -11.17 -31.49 -24.30
CA SER B 329 -11.04 -30.79 -25.57
C SER B 329 -11.61 -31.57 -26.75
N ASP B 330 -11.89 -32.84 -26.59
CA ASP B 330 -12.36 -33.66 -27.66
C ASP B 330 -13.71 -33.17 -28.09
N LYS B 331 -13.90 -33.05 -29.40
CA LYS B 331 -15.13 -32.57 -30.00
C LYS B 331 -16.35 -33.44 -29.70
N ASP B 332 -16.11 -34.74 -29.57
CA ASP B 332 -17.13 -35.69 -29.22
C ASP B 332 -17.48 -35.67 -27.72
N THR B 333 -16.66 -35.09 -26.87
CA THR B 333 -17.00 -35.02 -25.46
C THR B 333 -18.10 -34.00 -25.25
N VAL B 334 -19.13 -34.38 -24.48
CA VAL B 334 -20.31 -33.56 -24.28
C VAL B 334 -20.67 -33.56 -22.80
N GLU B 335 -21.30 -32.47 -22.35
CA GLU B 335 -21.87 -32.47 -21.02
C GLU B 335 -23.04 -33.44 -20.97
N LYS B 336 -23.11 -34.23 -19.90
CA LYS B 336 -24.15 -35.25 -19.79
C LYS B 336 -24.35 -35.55 -18.30
N GLY B 337 -25.41 -34.95 -17.74
CA GLY B 337 -25.83 -35.29 -16.40
C GLY B 337 -24.99 -34.63 -15.31
N THR B 338 -25.06 -35.22 -14.12
CA THR B 338 -24.38 -34.66 -12.97
C THR B 338 -23.97 -35.76 -11.99
N TYR B 339 -23.13 -35.34 -11.06
CA TYR B 339 -22.62 -36.14 -9.96
C TYR B 339 -23.20 -35.54 -8.66
N ARG B 340 -24.31 -36.11 -8.19
CA ARG B 340 -25.07 -35.49 -7.10
C ARG B 340 -24.24 -35.32 -5.84
N ARG B 341 -23.32 -36.24 -5.57
CA ARG B 341 -22.45 -36.15 -4.41
C ARG B 341 -21.74 -34.80 -4.34
N GLU B 342 -21.54 -34.15 -5.48
CA GLU B 342 -20.98 -32.81 -5.53
C GLU B 342 -21.99 -31.89 -6.23
N LYS B 343 -22.79 -31.20 -5.41
CA LYS B 343 -23.86 -30.35 -5.92
C LYS B 343 -23.36 -29.34 -6.93
N GLY B 344 -24.10 -29.21 -8.03
CA GLY B 344 -23.76 -28.26 -9.05
C GLY B 344 -22.63 -28.70 -9.98
N SER B 345 -22.07 -29.88 -9.77
CA SER B 345 -20.99 -30.33 -10.64
C SER B 345 -21.54 -30.68 -12.01
N LYS B 346 -20.65 -30.72 -12.99
CA LYS B 346 -21.02 -31.12 -14.34
C LYS B 346 -20.17 -32.30 -14.77
N VAL B 347 -20.79 -33.23 -15.49
CA VAL B 347 -20.13 -34.44 -15.96
C VAL B 347 -19.95 -34.34 -17.47
N TYR B 348 -18.73 -34.57 -17.94
CA TYR B 348 -18.39 -34.52 -19.35
C TYR B 348 -18.08 -35.93 -19.84
N PHE B 349 -18.88 -36.39 -20.79
CA PHE B 349 -18.88 -37.78 -21.23
C PHE B 349 -18.40 -37.86 -22.67
N ASN B 350 -17.56 -38.85 -22.96
CA ASN B 350 -17.13 -39.11 -24.32
C ASN B 350 -17.65 -40.46 -24.76
N PRO B 351 -18.44 -40.55 -25.83
CA PRO B 351 -19.06 -41.83 -26.19
C PRO B 351 -18.13 -42.81 -26.87
N ASN B 352 -16.91 -42.42 -27.22
CA ASN B 352 -15.96 -43.35 -27.83
C ASN B 352 -15.12 -44.06 -26.78
N THR B 353 -14.50 -43.32 -25.88
CA THR B 353 -13.78 -43.95 -24.77
C THR B 353 -14.70 -44.40 -23.66
N MET B 354 -15.93 -43.89 -23.62
CA MET B 354 -16.87 -44.10 -22.51
C MET B 354 -16.39 -43.50 -21.19
N ASN B 355 -15.44 -42.58 -21.25
CA ASN B 355 -14.93 -41.94 -20.04
C ASN B 355 -15.84 -40.79 -19.60
N VAL B 356 -15.91 -40.58 -18.30
CA VAL B 356 -16.50 -39.38 -17.73
C VAL B 356 -15.40 -38.59 -17.03
N VAL B 357 -15.55 -37.26 -17.02
CA VAL B 357 -14.76 -36.38 -16.17
C VAL B 357 -15.74 -35.47 -15.42
N ILE B 358 -15.56 -35.34 -14.11
CA ILE B 358 -16.42 -34.53 -13.24
C ILE B 358 -15.74 -33.21 -12.93
N ILE B 359 -16.44 -32.11 -13.18
CA ILE B 359 -15.94 -30.77 -12.89
C ILE B 359 -16.84 -30.15 -11.83
N LYS B 360 -16.24 -29.67 -10.74
CA LYS B 360 -17.00 -28.99 -9.70
C LYS B 360 -17.55 -27.66 -10.22
N SER B 361 -18.55 -27.14 -9.50
CA SER B 361 -19.18 -25.89 -9.95
C SER B 361 -18.18 -24.73 -9.92
N ASN B 362 -17.18 -24.79 -9.04
CA ASN B 362 -16.13 -23.78 -9.07
C ASN B 362 -15.12 -24.00 -10.20
N GLY B 363 -15.27 -25.06 -10.99
CA GLY B 363 -14.40 -25.33 -12.11
C GLY B 363 -13.23 -26.25 -11.82
N GLU B 364 -13.10 -26.75 -10.60
CA GLU B 364 -12.04 -27.68 -10.26
C GLU B 364 -12.35 -29.07 -10.80
N PHE B 365 -11.34 -29.69 -11.41
CA PHE B 365 -11.41 -31.11 -11.69
C PHE B 365 -11.60 -31.89 -10.39
N LEU B 366 -12.58 -32.78 -10.38
CA LEU B 366 -12.80 -33.65 -9.24
C LEU B 366 -12.25 -35.05 -9.46
N SER B 367 -12.72 -35.73 -10.51
CA SER B 367 -12.35 -37.12 -10.76
C SER B 367 -12.80 -37.49 -12.17
N GLY B 368 -12.47 -38.72 -12.56
CA GLY B 368 -12.92 -39.25 -13.83
C GLY B 368 -12.59 -40.72 -13.94
N TRP B 369 -13.33 -41.41 -14.80
CA TRP B 369 -13.15 -42.86 -14.98
C TRP B 369 -13.99 -43.31 -16.17
N LYS B 370 -13.85 -44.59 -16.50
CA LYS B 370 -14.52 -45.17 -17.67
C LYS B 370 -15.84 -45.82 -17.26
N ILE B 371 -16.90 -45.48 -17.99
CA ILE B 371 -18.22 -46.06 -17.73
C ILE B 371 -18.24 -47.50 -18.20
N ASN B 372 -18.75 -48.40 -17.35
CA ASN B 372 -19.02 -49.77 -17.75
C ASN B 372 -20.50 -49.88 -18.10
N PRO B 373 -20.86 -49.95 -19.39
CA PRO B 373 -22.29 -49.94 -19.76
C PRO B 373 -23.03 -51.22 -19.40
N ASP B 374 -22.33 -52.29 -19.05
CA ASP B 374 -22.95 -53.53 -18.64
C ASP B 374 -23.03 -53.69 -17.13
N ALA B 375 -22.71 -52.63 -16.38
CA ALA B 375 -22.84 -52.60 -14.94
C ALA B 375 -24.03 -51.73 -14.57
N ASP B 376 -24.62 -52.02 -13.40
CA ASP B 376 -25.83 -51.32 -12.98
C ASP B 376 -25.63 -49.81 -12.98
N ASN B 377 -24.58 -49.34 -12.30
CA ASN B 377 -24.43 -47.90 -12.15
C ASN B 377 -24.02 -47.25 -13.47
N GLY B 378 -23.29 -47.97 -14.32
CA GLY B 378 -22.98 -47.43 -15.64
C GLY B 378 -24.21 -47.34 -16.51
N ARG B 379 -25.05 -48.38 -16.47
CA ARG B 379 -26.31 -48.37 -17.22
C ARG B 379 -27.24 -47.28 -16.70
N ILE B 380 -27.29 -47.09 -15.38
CA ILE B 380 -28.10 -46.01 -14.83
C ILE B 380 -27.58 -44.65 -15.30
N TYR B 381 -26.25 -44.46 -15.32
CA TYR B 381 -25.72 -43.19 -15.77
C TYR B 381 -26.06 -42.93 -17.24
N LEU B 382 -25.77 -43.90 -18.11
CA LEU B 382 -26.06 -43.73 -19.53
C LEU B 382 -27.53 -43.41 -19.75
N GLU B 383 -28.42 -44.07 -19.00
CA GLU B 383 -29.85 -43.94 -19.22
C GLU B 383 -30.46 -42.72 -18.52
N THR B 384 -29.81 -42.14 -17.50
CA THR B 384 -30.42 -41.06 -16.74
C THR B 384 -29.54 -39.83 -16.49
N GLY B 385 -28.25 -39.89 -16.80
CA GLY B 385 -27.36 -38.80 -16.49
C GLY B 385 -26.93 -38.71 -15.04
N GLU B 386 -27.32 -39.68 -14.22
CA GLU B 386 -27.04 -39.69 -12.78
C GLU B 386 -25.79 -40.53 -12.53
N LEU B 387 -24.66 -39.86 -12.35
CA LEU B 387 -23.40 -40.55 -12.10
C LEU B 387 -23.23 -40.87 -10.61
S SO4 C . -17.22 16.31 39.33
O1 SO4 C . -15.82 15.89 39.23
O2 SO4 C . -17.46 16.79 40.69
O3 SO4 C . -17.49 17.36 38.36
O4 SO4 C . -18.12 15.20 39.07
S SO4 D . 15.92 -1.94 -2.66
O1 SO4 D . 17.03 -1.87 -3.62
O2 SO4 D . 16.40 -2.58 -1.44
O3 SO4 D . 15.43 -0.59 -2.36
O4 SO4 D . 14.83 -2.75 -3.22
S SO4 E . -11.04 12.18 34.17
O1 SO4 E . -10.16 12.86 33.24
O2 SO4 E . -10.43 10.89 34.49
O3 SO4 E . -11.22 12.99 35.37
O4 SO4 E . -12.35 11.95 33.56
C1 GOL F . 3.10 31.53 35.65
O1 GOL F . 3.30 30.31 36.35
C2 GOL F . 2.98 32.70 36.64
O2 GOL F . 4.19 33.41 36.80
C3 GOL F . 2.09 33.71 35.96
O3 GOL F . 1.17 33.06 35.13
C1 GOL G . 3.74 36.70 32.66
O1 GOL G . 2.58 36.79 33.47
C2 GOL G . 4.07 35.24 32.31
O2 GOL G . 3.05 34.35 32.72
C3 GOL G . 4.30 35.17 30.81
O3 GOL G . 3.24 35.81 30.13
C1 GOL H . 5.35 16.96 57.56
O1 GOL H . 4.49 15.97 57.02
C2 GOL H . 6.21 17.62 56.50
O2 GOL H . 7.02 16.79 55.71
C3 GOL H . 6.79 18.99 56.88
O3 GOL H . 7.47 19.55 55.78
C1 GOL I . -1.48 36.49 39.69
O1 GOL I . -0.84 35.74 40.70
C2 GOL I . -1.68 35.61 38.45
O2 GOL I . -2.65 34.64 38.72
C3 GOL I . -0.39 34.88 38.10
O3 GOL I . -0.61 34.23 36.87
C1 GOL J . -1.22 30.15 -2.36
O1 GOL J . -0.61 28.99 -1.86
C2 GOL J . -0.94 30.27 -3.86
O2 GOL J . -2.08 30.78 -4.51
C3 GOL J . 0.25 31.20 -4.08
O3 GOL J . 0.97 30.81 -5.24
C1 GOL K . -3.49 35.54 0.66
O1 GOL K . -3.92 35.08 1.93
C2 GOL K . -3.13 34.40 -0.31
O2 GOL K . -4.23 34.02 -1.11
C3 GOL K . -1.93 34.79 -1.17
O3 GOL K . -2.20 35.20 -2.49
C1 GOL L . 4.25 19.27 -4.21
O1 GOL L . 3.20 19.94 -4.87
C2 GOL L . 5.52 19.92 -4.72
O2 GOL L . 6.61 19.05 -4.49
C3 GOL L . 5.33 20.14 -6.22
O3 GOL L . 6.20 21.16 -6.65
C1 GOL M . 12.34 24.36 5.23
O1 GOL M . 11.79 25.54 5.78
C2 GOL M . 12.55 24.55 3.72
O2 GOL M . 11.45 25.19 3.13
C3 GOL M . 12.76 23.21 3.03
O3 GOL M . 14.13 23.12 2.68
S SO4 N . -13.28 -41.40 -6.72
O1 SO4 N . -12.51 -40.56 -7.61
O2 SO4 N . -12.63 -41.47 -5.42
O3 SO4 N . -14.63 -40.85 -6.59
O4 SO4 N . -13.36 -42.74 -7.30
S SO4 O . -12.29 -35.81 -3.02
O1 SO4 O . -11.57 -35.13 -4.08
O2 SO4 O . -11.52 -35.71 -1.78
O3 SO4 O . -13.59 -35.18 -2.85
O4 SO4 O . -12.47 -37.23 -3.34
S SO4 P . -6.71 10.97 -9.74
O1 SO4 P . -5.85 9.91 -10.28
O2 SO4 P . -6.25 11.36 -8.41
O3 SO4 P . -6.66 12.13 -10.62
O4 SO4 P . -8.09 10.49 -9.61
C1 GOL Q . 11.91 -4.27 -16.77
O1 GOL Q . 11.54 -3.59 -15.59
C2 GOL Q . 11.68 -3.40 -17.98
O2 GOL Q . 10.45 -2.72 -17.87
C3 GOL Q . 12.82 -2.39 -18.02
O3 GOL Q . 12.87 -1.82 -19.29
C1 GOL R . 2.17 12.57 -24.75
O1 GOL R . 1.87 11.82 -23.59
C2 GOL R . 1.72 11.87 -26.02
O2 GOL R . 0.34 11.53 -25.95
C3 GOL R . 2.00 12.78 -27.20
O3 GOL R . 1.24 12.42 -28.33
C1 GOL S . -9.83 -38.22 -26.31
O1 GOL S . -11.17 -38.04 -25.93
C2 GOL S . -9.60 -39.59 -26.97
O2 GOL S . -10.15 -39.65 -28.27
C3 GOL S . -8.09 -39.76 -27.10
O3 GOL S . -7.50 -39.44 -25.87
C1 GOL T . 21.72 -9.84 -17.07
O1 GOL T . 21.28 -11.08 -17.59
C2 GOL T . 22.49 -9.06 -18.14
O2 GOL T . 23.84 -8.92 -17.75
C3 GOL T . 21.90 -7.65 -18.33
O3 GOL T . 22.41 -7.04 -19.50
#